data_2JLD
#
_entry.id   2JLD
#
_cell.length_a   83.041
_cell.length_b   86.114
_cell.length_c   177.398
_cell.angle_alpha   90.00
_cell.angle_beta   90.00
_cell.angle_gamma   90.00
#
_symmetry.space_group_name_H-M   'P 21 21 21'
#
loop_
_entity.id
_entity.type
_entity.pdbx_description
1 polymer 'GLYCOGEN SYNTHASE KINASE-3 BETA'
2 polymer 'PEPTIDE (ALA-GLY-GLY-ALA-ALA-ALA-ALA-ALA)'
3 non-polymer 'RUTHENIUM PYRIDOCARBAZOLE'
4 water water
#
loop_
_entity_poly.entity_id
_entity_poly.type
_entity_poly.pdbx_seq_one_letter_code
_entity_poly.pdbx_strand_id
1 'polypeptide(L)'
;MSGRPRTTSFAESCKPVQQPSAFGSMKVSRDKDGSKVTTVVATPGQGPDRPQEVSYTDTKVIGNGSFGVVYQAKLCDSGE
LVAIKKVLQDKRFKNRELQIMRKLDHCNIVRLRYFFYSSGEKKDEVYLNLVLDYVPETVYRVARHYSRAKQTLPVIYVKL
YMYQLFRSLAYIHSFGICHRDIKPQNLLLDPDTAVLKLCDFGSAKQLVRGEPNVSYICSRYYRAPELIFGATDYTSSIDV
WSAGCVLAELLLGQPIFPGDSGVDQLVEIIKVLGTPTREQIREMNPNYTEFKFPQIKAHPWTKVFRPRTPPEAIALCSRL
LEYTPTARLTPLEACAHSFFDELRDPNVKLPNGRDTPALFNFTTQELSSNPPLATILIPPHARIQAAASTPTNATAASDA
NTGDRGQTNNAASASASNST
;
A,B
2 'polypeptide(L)' AGGAAAAA E
#
# COMPACT_ATOMS: atom_id res chain seq x y z
N SER A 35 16.92 36.05 9.01
CA SER A 35 18.31 35.99 9.52
C SER A 35 19.29 35.82 8.32
N LYS A 36 19.39 34.59 7.82
CA LYS A 36 20.27 34.23 6.71
C LYS A 36 19.51 34.42 5.39
N VAL A 37 20.23 34.90 4.37
CA VAL A 37 19.69 35.14 3.04
C VAL A 37 20.47 34.33 2.04
N THR A 38 19.79 33.58 1.19
CA THR A 38 20.44 32.76 0.18
C THR A 38 20.13 33.39 -1.16
N THR A 39 21.16 33.65 -1.95
CA THR A 39 20.99 34.17 -3.30
C THR A 39 21.54 33.15 -4.27
N VAL A 40 20.72 32.83 -5.26
CA VAL A 40 21.01 31.86 -6.27
C VAL A 40 20.66 32.50 -7.60
N VAL A 41 21.22 31.94 -8.66
CA VAL A 41 20.92 32.33 -9.99
C VAL A 41 20.10 31.19 -10.57
N ALA A 42 18.93 31.52 -11.10
CA ALA A 42 17.93 30.50 -11.42
C ALA A 42 17.28 30.84 -12.75
N THR A 43 16.86 29.81 -13.48
CA THR A 43 16.13 29.95 -14.72
C THR A 43 14.62 30.04 -14.41
N PRO A 44 13.93 31.00 -15.04
CA PRO A 44 12.46 31.05 -14.87
C PRO A 44 11.81 29.76 -15.36
N GLY A 45 10.71 29.37 -14.71
CA GLY A 45 10.03 28.13 -15.05
C GLY A 45 9.45 28.10 -16.43
N GLN A 46 8.92 29.26 -16.83
CA GLN A 46 8.37 29.45 -18.17
C GLN A 46 9.06 30.64 -18.89
N GLY A 47 8.82 30.73 -20.19
CA GLY A 47 9.30 31.86 -20.96
C GLY A 47 10.77 31.71 -21.28
N PRO A 48 11.41 32.80 -21.69
CA PRO A 48 12.79 32.69 -22.17
C PRO A 48 13.77 32.44 -21.04
N ASP A 49 14.77 31.60 -21.32
CA ASP A 49 15.85 31.28 -20.41
C ASP A 49 16.77 32.47 -20.23
N ARG A 50 16.40 33.36 -19.33
CA ARG A 50 17.27 34.45 -18.92
C ARG A 50 17.40 34.38 -17.38
N PRO A 51 18.58 34.01 -16.90
CA PRO A 51 18.70 33.73 -15.48
C PRO A 51 18.39 34.94 -14.65
N GLN A 52 17.91 34.70 -13.44
CA GLN A 52 17.61 35.77 -12.49
C GLN A 52 18.27 35.44 -11.20
N GLU A 53 18.47 36.49 -10.42
CA GLU A 53 19.09 36.41 -9.12
C GLU A 53 17.93 36.35 -8.15
N VAL A 54 17.78 35.21 -7.47
CA VAL A 54 16.64 34.99 -6.57
C VAL A 54 17.19 34.89 -5.14
N SER A 55 16.66 35.74 -4.26
CA SER A 55 17.10 35.79 -2.89
C SER A 55 15.96 35.37 -1.98
N TYR A 56 16.25 34.47 -1.05
CA TYR A 56 15.23 34.02 -0.13
C TYR A 56 15.78 33.72 1.23
N THR A 57 14.89 33.81 2.22
CA THR A 57 15.23 33.61 3.60
C THR A 57 14.14 32.81 4.33
N ASP A 58 14.40 32.52 5.62
CA ASP A 58 13.42 31.93 6.54
C ASP A 58 13.02 30.52 6.11
N THR A 59 14.02 29.78 5.63
CA THR A 59 13.84 28.45 5.09
C THR A 59 13.50 27.43 6.17
N LYS A 60 12.38 26.72 5.99
CA LYS A 60 11.92 25.65 6.91
C LYS A 60 11.55 24.44 6.09
N VAL A 61 11.79 23.24 6.62
CA VAL A 61 11.34 22.01 5.97
C VAL A 61 9.83 21.83 6.13
N ILE A 62 9.14 21.61 5.01
CA ILE A 62 7.71 21.24 5.03
C ILE A 62 7.65 19.72 5.28
N GLY A 63 8.40 18.96 4.50
CA GLY A 63 8.46 17.55 4.74
C GLY A 63 9.47 16.91 3.85
N ASN A 64 9.65 15.61 4.00
CA ASN A 64 10.53 14.87 3.09
C ASN A 64 10.09 13.43 2.94
N GLY A 65 10.59 12.80 1.89
CA GLY A 65 10.31 11.42 1.59
C GLY A 65 10.77 11.07 0.19
N SER A 66 10.09 10.10 -0.42
CA SER A 66 10.40 9.67 -1.79
C SER A 66 10.34 10.78 -2.88
N PHE A 67 9.67 11.88 -2.57
CA PHE A 67 9.61 13.03 -3.46
C PHE A 67 10.82 13.95 -3.29
N GLY A 68 11.66 13.66 -2.30
CA GLY A 68 12.82 14.49 -1.98
C GLY A 68 12.54 15.30 -0.73
N VAL A 69 13.07 16.51 -0.66
CA VAL A 69 12.77 17.45 0.42
C VAL A 69 12.02 18.66 -0.13
N VAL A 70 11.00 19.07 0.58
CA VAL A 70 10.28 20.24 0.22
C VAL A 70 10.43 21.25 1.32
N TYR A 71 10.96 22.42 0.96
CA TYR A 71 11.10 23.54 1.89
C TYR A 71 10.02 24.56 1.67
N GLN A 72 9.84 25.37 2.68
CA GLN A 72 9.19 26.64 2.52
C GLN A 72 10.29 27.69 2.58
N ALA A 73 10.12 28.79 1.85
CA ALA A 73 11.00 29.95 1.96
C ALA A 73 10.23 31.21 1.67
N LYS A 74 10.77 32.32 2.13
CA LYS A 74 10.22 33.65 1.88
C LYS A 74 11.17 34.39 0.88
N LEU A 75 10.63 34.79 -0.28
CA LEU A 75 11.37 35.63 -1.27
C LEU A 75 11.62 37.02 -0.68
N CYS A 76 12.90 37.41 -0.59
CA CYS A 76 13.29 38.68 0.02
C CYS A 76 12.58 39.92 -0.54
N ASP A 77 12.45 39.99 -1.87
CA ASP A 77 11.85 41.16 -2.48
C ASP A 77 10.40 41.30 -2.04
N SER A 78 9.57 40.37 -2.49
CA SER A 78 8.11 40.47 -2.36
C SER A 78 7.62 40.11 -0.97
N GLY A 79 8.40 39.31 -0.26
CA GLY A 79 7.97 38.71 1.00
C GLY A 79 7.08 37.50 0.78
N GLU A 80 6.92 37.07 -0.46
CA GLU A 80 6.02 35.96 -0.78
C GLU A 80 6.59 34.59 -0.42
N LEU A 81 5.74 33.74 0.13
CA LEU A 81 6.15 32.40 0.50
C LEU A 81 6.21 31.54 -0.76
N VAL A 82 7.23 30.68 -0.87
CA VAL A 82 7.31 29.73 -1.97
C VAL A 82 7.76 28.42 -1.41
N ALA A 83 7.74 27.40 -2.26
CA ALA A 83 8.13 26.06 -1.87
C ALA A 83 9.34 25.75 -2.73
N ILE A 84 10.33 25.08 -2.17
CA ILE A 84 11.47 24.62 -2.94
C ILE A 84 11.59 23.13 -2.76
N LYS A 85 11.35 22.38 -3.84
CA LYS A 85 11.47 20.93 -3.83
C LYS A 85 12.84 20.53 -4.36
N LYS A 86 13.59 19.79 -3.56
CA LYS A 86 14.97 19.46 -3.90
C LYS A 86 15.11 17.95 -4.01
N VAL A 87 15.60 17.50 -5.16
CA VAL A 87 15.75 16.10 -5.47
C VAL A 87 17.13 15.94 -6.08
N LEU A 88 17.60 14.70 -6.09
CA LEU A 88 18.94 14.38 -6.55
C LEU A 88 18.88 14.26 -8.07
N GLN A 89 19.81 14.90 -8.78
CA GLN A 89 19.77 14.90 -10.23
C GLN A 89 20.63 13.80 -10.74
N ASP A 90 20.03 12.92 -11.54
CA ASP A 90 20.75 11.86 -12.26
C ASP A 90 21.75 12.46 -13.28
N LYS A 91 22.95 11.88 -13.34
CA LYS A 91 23.95 12.28 -14.33
C LYS A 91 23.45 11.93 -15.74
N ARG A 92 22.89 10.74 -15.88
CA ARG A 92 22.61 10.13 -17.18
C ARG A 92 21.38 10.66 -17.94
N PHE A 93 20.44 11.30 -17.26
CA PHE A 93 19.17 11.69 -17.90
C PHE A 93 18.76 13.11 -17.48
N LYS A 94 17.95 13.77 -18.30
CA LYS A 94 17.27 15.01 -17.86
C LYS A 94 16.12 14.64 -16.91
N ASN A 95 15.90 15.45 -15.89
CA ASN A 95 14.79 15.23 -14.95
C ASN A 95 13.40 15.35 -15.61
N ARG A 96 12.64 14.26 -15.58
CA ARG A 96 11.30 14.21 -16.20
C ARG A 96 10.31 15.25 -15.64
N GLU A 97 10.38 15.46 -14.34
CA GLU A 97 9.40 16.27 -13.66
C GLU A 97 9.62 17.71 -14.09
N LEU A 98 10.88 18.14 -14.12
CA LEU A 98 11.25 19.42 -14.68
C LEU A 98 10.69 19.66 -16.08
N GLN A 99 10.85 18.70 -16.97
CA GLN A 99 10.43 18.91 -18.37
C GLN A 99 8.90 19.01 -18.43
N ILE A 100 8.21 18.26 -17.57
CA ILE A 100 6.76 18.39 -17.49
C ILE A 100 6.38 19.76 -16.92
N MET A 101 7.01 20.15 -15.82
CA MET A 101 6.66 21.36 -15.11
C MET A 101 6.88 22.62 -15.97
N ARG A 102 7.88 22.57 -16.84
CA ARG A 102 8.18 23.70 -17.73
C ARG A 102 7.12 23.95 -18.77
N LYS A 103 6.41 22.89 -19.16
CA LYS A 103 5.31 23.00 -20.11
C LYS A 103 3.97 23.43 -19.48
N LEU A 104 3.80 23.35 -18.16
CA LEU A 104 2.44 23.47 -17.60
C LEU A 104 2.19 24.87 -17.10
N ASP A 105 1.02 25.43 -17.42
CA ASP A 105 0.64 26.77 -16.93
C ASP A 105 -0.86 26.80 -16.72
N HIS A 106 -1.30 26.67 -15.46
CA HIS A 106 -2.72 26.50 -15.16
C HIS A 106 -2.93 26.89 -13.73
N CYS A 107 -4.07 27.54 -13.47
CA CYS A 107 -4.36 28.07 -12.15
C CYS A 107 -4.57 27.00 -11.06
N ASN A 108 -4.84 25.77 -11.47
CA ASN A 108 -5.02 24.68 -10.49
C ASN A 108 -3.86 23.66 -10.43
N ILE A 109 -2.68 24.11 -10.81
CA ILE A 109 -1.44 23.33 -10.69
C ILE A 109 -0.38 24.27 -10.14
N VAL A 110 0.43 23.82 -9.18
CA VAL A 110 1.42 24.70 -8.59
C VAL A 110 2.37 25.11 -9.70
N ARG A 111 2.67 26.39 -9.78
CA ARG A 111 3.48 26.88 -10.86
C ARG A 111 4.97 26.69 -10.56
N LEU A 112 5.73 26.23 -11.54
CA LEU A 112 7.20 26.27 -11.42
C LEU A 112 7.69 27.72 -11.68
N ARG A 113 8.16 28.36 -10.64
CA ARG A 113 8.65 29.75 -10.77
C ARG A 113 10.06 29.84 -11.30
N TYR A 114 10.95 29.09 -10.66
CA TYR A 114 12.36 29.08 -10.98
C TYR A 114 12.87 27.65 -10.81
N PHE A 115 13.93 27.31 -11.52
CA PHE A 115 14.67 26.13 -11.19
C PHE A 115 16.17 26.39 -11.24
N PHE A 116 16.91 25.75 -10.33
CA PHE A 116 18.36 25.80 -10.31
C PHE A 116 19.00 24.51 -9.78
N TYR A 117 20.29 24.39 -10.07
CA TYR A 117 21.08 23.30 -9.58
C TYR A 117 21.96 23.76 -8.42
N SER A 118 22.21 22.85 -7.48
CA SER A 118 23.05 23.10 -6.32
C SER A 118 23.64 21.76 -5.82
N SER A 119 24.25 21.78 -4.63
CA SER A 119 24.76 20.56 -3.97
C SER A 119 24.08 20.31 -2.61
N GLU A 121 23.48 17.64 0.41
CA GLU A 121 23.50 16.70 1.54
C GLU A 121 24.43 15.53 1.24
N LYS A 122 24.16 14.82 0.14
CA LYS A 122 25.14 13.86 -0.42
C LYS A 122 26.23 14.65 -1.21
N LYS A 123 27.47 14.59 -0.70
CA LYS A 123 28.61 15.39 -1.19
C LYS A 123 29.14 14.92 -2.55
N ASP A 124 29.74 15.87 -3.28
CA ASP A 124 30.21 15.66 -4.65
C ASP A 124 29.05 15.22 -5.58
N GLU A 125 27.83 15.70 -5.28
CA GLU A 125 26.65 15.38 -6.09
C GLU A 125 25.70 16.56 -6.31
N VAL A 126 24.96 16.48 -7.41
CA VAL A 126 24.13 17.59 -7.87
C VAL A 126 22.65 17.42 -7.53
N TYR A 127 22.05 18.52 -7.08
CA TYR A 127 20.61 18.56 -6.81
C TYR A 127 19.86 19.58 -7.70
N LEU A 128 18.79 19.11 -8.32
CA LEU A 128 17.80 19.94 -8.96
C LEU A 128 16.93 20.56 -7.88
N ASN A 129 16.74 21.88 -7.95
CA ASN A 129 15.85 22.58 -7.04
C ASN A 129 14.69 23.21 -7.82
N LEU A 130 13.45 22.91 -7.46
CA LEU A 130 12.32 23.51 -8.09
C LEU A 130 11.70 24.51 -7.17
N VAL A 131 11.63 25.77 -7.59
CA VAL A 131 10.98 26.82 -6.79
C VAL A 131 9.52 26.91 -7.26
N LEU A 132 8.58 26.62 -6.35
CA LEU A 132 7.19 26.35 -6.74
C LEU A 132 6.24 27.21 -5.93
N ASP A 133 5.01 27.42 -6.42
CA ASP A 133 4.01 28.07 -5.56
C ASP A 133 3.92 27.27 -4.28
N TYR A 134 3.73 27.99 -3.20
CA TYR A 134 3.49 27.45 -1.88
C TYR A 134 2.01 27.60 -1.57
N VAL A 135 1.39 26.56 -1.02
CA VAL A 135 -0.01 26.64 -0.63
C VAL A 135 -0.06 26.09 0.81
N PRO A 136 -0.81 26.75 1.70
CA PRO A 136 -0.67 26.47 3.15
C PRO A 136 -1.34 25.20 3.70
N GLU A 137 -2.20 24.56 2.93
CA GLU A 137 -2.93 23.39 3.43
C GLU A 137 -3.05 22.33 2.38
N THR A 138 -3.36 21.12 2.81
CA THR A 138 -3.65 20.03 1.90
C THR A 138 -5.06 19.49 2.16
N VAL A 139 -5.64 18.86 1.15
CA VAL A 139 -6.91 18.26 1.31
C VAL A 139 -6.79 17.18 2.39
N TYR A 140 -5.66 16.49 2.42
CA TYR A 140 -5.46 15.44 3.42
C TYR A 140 -5.65 16.04 4.84
N ARG A 141 -5.01 17.17 5.13
CA ARG A 141 -5.08 17.76 6.48
C ARG A 141 -6.50 18.24 6.78
N VAL A 142 -7.13 18.85 5.80
CA VAL A 142 -8.48 19.35 5.97
C VAL A 142 -9.39 18.17 6.25
N ALA A 143 -9.33 17.14 5.43
CA ALA A 143 -10.21 15.98 5.62
C ALA A 143 -10.02 15.36 7.00
N ARG A 144 -8.77 15.28 7.45
CA ARG A 144 -8.46 14.72 8.73
C ARG A 144 -9.01 15.61 9.89
N HIS A 145 -8.94 16.94 9.79
CA HIS A 145 -9.55 17.79 10.82
C HIS A 145 -11.03 17.47 10.97
N TYR A 146 -11.76 17.35 9.86
CA TYR A 146 -13.18 17.08 9.93
C TYR A 146 -13.46 15.66 10.40
N SER A 147 -12.63 14.72 10.00
CA SER A 147 -12.83 13.33 10.39
C SER A 147 -12.61 13.14 11.89
N ARG A 148 -11.57 13.78 12.43
CA ARG A 148 -11.28 13.72 13.86
C ARG A 148 -12.39 14.37 14.67
N ALA A 149 -13.03 15.41 14.12
CA ALA A 149 -14.21 16.04 14.74
C ALA A 149 -15.54 15.31 14.45
N LYS A 150 -15.48 14.11 13.86
CA LYS A 150 -16.69 13.33 13.52
C LYS A 150 -17.72 14.10 12.62
N GLN A 151 -17.20 15.00 11.78
CA GLN A 151 -18.02 15.71 10.80
C GLN A 151 -17.50 15.45 9.38
N THR A 152 -18.24 15.90 8.38
CA THR A 152 -17.73 15.91 7.00
C THR A 152 -17.64 17.37 6.51
N LEU A 153 -16.78 17.57 5.53
CA LEU A 153 -16.59 18.86 4.90
C LEU A 153 -17.91 19.30 4.24
N PRO A 154 -18.32 20.57 4.40
CA PRO A 154 -19.48 21.03 3.65
C PRO A 154 -19.37 20.81 2.14
N VAL A 155 -20.51 20.49 1.53
CA VAL A 155 -20.56 20.06 0.16
C VAL A 155 -20.07 21.14 -0.78
N ILE A 156 -20.28 22.39 -0.43
CA ILE A 156 -19.85 23.45 -1.27
C ILE A 156 -18.33 23.33 -1.45
N TYR A 157 -17.61 22.94 -0.40
CA TYR A 157 -16.18 22.76 -0.52
C TYR A 157 -15.82 21.48 -1.31
N VAL A 158 -16.56 20.40 -1.09
CA VAL A 158 -16.34 19.23 -1.95
C VAL A 158 -16.45 19.58 -3.46
N LYS A 159 -17.46 20.39 -3.79
CA LYS A 159 -17.74 20.79 -5.15
C LYS A 159 -16.60 21.62 -5.71
N LEU A 160 -16.24 22.65 -4.96
CA LEU A 160 -15.16 23.50 -5.35
C LEU A 160 -13.85 22.78 -5.56
N TYR A 161 -13.52 21.92 -4.61
CA TYR A 161 -12.23 21.25 -4.63
C TYR A 161 -12.18 20.25 -5.75
N MET A 162 -13.21 19.45 -5.87
CA MET A 162 -13.20 18.42 -6.90
C MET A 162 -13.28 18.99 -8.31
N TYR A 163 -14.01 20.10 -8.46
CA TYR A 163 -14.10 20.74 -9.76
C TYR A 163 -12.75 21.21 -10.19
N GLN A 164 -12.05 21.86 -9.26
CA GLN A 164 -10.70 22.30 -9.54
C GLN A 164 -9.73 21.14 -9.85
N LEU A 165 -9.90 20.03 -9.18
CA LEU A 165 -9.04 18.86 -9.43
C LEU A 165 -9.31 18.39 -10.88
N PHE A 166 -10.56 18.26 -11.24
CA PHE A 166 -10.88 17.85 -12.58
C PHE A 166 -10.40 18.79 -13.68
N ARG A 167 -10.47 20.08 -13.46
CA ARG A 167 -9.85 20.98 -14.42
C ARG A 167 -8.38 20.70 -14.58
N SER A 168 -7.66 20.58 -13.46
CA SER A 168 -6.21 20.35 -13.51
C SER A 168 -5.96 19.10 -14.33
N LEU A 169 -6.82 18.11 -14.20
CA LEU A 169 -6.61 16.86 -14.91
C LEU A 169 -6.94 16.98 -16.41
N ALA A 170 -8.02 17.70 -16.73
CA ALA A 170 -8.37 17.93 -18.12
C ALA A 170 -7.20 18.63 -18.83
N TYR A 171 -6.53 19.51 -18.14
CA TYR A 171 -5.45 20.18 -18.74
C TYR A 171 -4.23 19.30 -18.92
N ILE A 172 -3.75 18.67 -17.84
CA ILE A 172 -2.54 17.85 -18.02
C ILE A 172 -2.80 16.70 -18.99
N HIS A 173 -4.00 16.13 -18.97
CA HIS A 173 -4.31 15.06 -19.91
C HIS A 173 -4.35 15.51 -21.35
N SER A 174 -4.60 16.79 -21.58
CA SER A 174 -4.73 17.28 -22.94
C SER A 174 -3.34 17.28 -23.58
N PHE A 175 -2.29 17.29 -22.75
CA PHE A 175 -0.94 17.02 -23.22
C PHE A 175 -0.55 15.52 -23.30
N GLY A 176 -1.52 14.61 -23.08
CA GLY A 176 -1.22 13.18 -22.80
C GLY A 176 -0.46 12.86 -21.50
N ILE A 177 -0.32 13.83 -20.59
CA ILE A 177 0.37 13.64 -19.32
C ILE A 177 -0.57 13.11 -18.23
N CYS A 178 -0.16 12.02 -17.57
CA CYS A 178 -0.95 11.40 -16.49
C CYS A 178 -0.15 11.66 -15.24
N HIS A 179 -0.84 12.13 -14.19
CA HIS A 179 -0.20 12.49 -12.94
C HIS A 179 0.32 11.20 -12.23
N ARG A 180 -0.55 10.19 -12.14
CA ARG A 180 -0.20 8.89 -11.60
C ARG A 180 -0.03 8.83 -10.08
N ASP A 181 -0.41 9.88 -9.36
CA ASP A 181 -0.39 9.83 -7.89
C ASP A 181 -1.38 10.86 -7.28
N ILE A 182 -2.59 10.80 -7.78
CA ILE A 182 -3.63 11.65 -7.31
C ILE A 182 -4.08 11.09 -5.97
N LYS A 183 -3.91 11.88 -4.92
CA LYS A 183 -4.29 11.50 -3.58
C LYS A 183 -4.40 12.79 -2.76
N PRO A 184 -5.12 12.75 -1.64
CA PRO A 184 -5.40 13.96 -0.84
C PRO A 184 -4.20 14.80 -0.44
N GLN A 185 -3.09 14.17 -0.14
CA GLN A 185 -1.88 14.91 0.16
C GLN A 185 -1.28 15.73 -0.99
N ASN A 186 -1.57 15.34 -2.23
CA ASN A 186 -1.03 16.07 -3.35
C ASN A 186 -1.99 17.14 -3.83
N LEU A 187 -3.05 17.38 -3.09
CA LEU A 187 -4.02 18.42 -3.44
C LEU A 187 -3.88 19.50 -2.42
N LEU A 188 -3.27 20.62 -2.82
CA LEU A 188 -3.04 21.78 -1.96
C LEU A 188 -4.24 22.73 -2.05
N LEU A 189 -4.56 23.35 -0.91
CA LEU A 189 -5.75 24.18 -0.69
C LEU A 189 -5.34 25.44 -0.02
N ASP A 190 -5.90 26.56 -0.48
CA ASP A 190 -5.84 27.79 0.27
C ASP A 190 -7.15 27.89 1.09
N PRO A 191 -7.04 27.90 2.41
CA PRO A 191 -8.25 27.91 3.26
C PRO A 191 -9.18 29.15 3.13
N ASP A 192 -8.65 30.26 2.65
CA ASP A 192 -9.44 31.47 2.52
C ASP A 192 -10.06 31.70 1.14
N THR A 193 -9.35 31.37 0.06
CA THR A 193 -9.87 31.62 -1.28
C THR A 193 -10.49 30.39 -1.93
N ALA A 194 -10.28 29.23 -1.32
CA ALA A 194 -10.78 27.96 -1.79
C ALA A 194 -10.12 27.51 -3.11
N VAL A 195 -8.97 28.09 -3.44
CA VAL A 195 -8.18 27.66 -4.61
C VAL A 195 -7.50 26.35 -4.25
N LEU A 196 -7.63 25.37 -5.14
CA LEU A 196 -6.94 24.10 -5.03
C LEU A 196 -5.88 24.04 -6.12
N LYS A 197 -4.71 23.53 -5.76
CA LYS A 197 -3.64 23.29 -6.72
C LYS A 197 -3.11 21.87 -6.58
N LEU A 198 -3.01 21.19 -7.71
CA LEU A 198 -2.35 19.90 -7.77
C LEU A 198 -0.86 20.07 -7.66
N CYS A 199 -0.20 19.24 -6.84
CA CYS A 199 1.23 19.25 -6.74
C CYS A 199 1.86 17.87 -6.93
N ASP A 200 3.20 17.87 -6.96
CA ASP A 200 4.06 16.69 -7.03
C ASP A 200 3.93 15.89 -8.32
N PHE A 201 4.75 16.27 -9.29
CA PHE A 201 4.73 15.65 -10.59
C PHE A 201 5.85 14.64 -10.76
N GLY A 202 6.41 14.18 -9.65
CA GLY A 202 7.49 13.21 -9.65
C GLY A 202 7.12 11.83 -10.20
N SER A 203 5.85 11.52 -10.30
CA SER A 203 5.41 10.29 -11.00
C SER A 203 4.73 10.54 -12.32
N ALA A 204 4.60 11.80 -12.70
CA ALA A 204 3.82 12.15 -13.87
C ALA A 204 4.56 11.68 -15.10
N LYS A 205 3.82 11.25 -16.12
CA LYS A 205 4.39 10.81 -17.37
C LYS A 205 3.45 10.93 -18.56
N GLN A 206 4.00 11.22 -19.74
CA GLN A 206 3.23 11.15 -20.96
C GLN A 206 2.96 9.73 -21.31
N LEU A 207 1.70 9.35 -21.40
CA LEU A 207 1.35 8.02 -21.76
C LEU A 207 1.06 7.98 -23.24
N VAL A 208 1.91 7.27 -23.98
CA VAL A 208 1.73 7.04 -25.41
C VAL A 208 1.13 5.64 -25.64
N ARG A 209 0.01 5.57 -26.38
CA ARG A 209 -0.67 4.30 -26.67
C ARG A 209 0.30 3.29 -27.32
N GLY A 210 0.33 2.07 -26.76
CA GLY A 210 1.26 1.02 -27.23
C GLY A 210 2.59 1.00 -26.48
N GLU A 211 2.94 2.07 -25.78
CA GLU A 211 4.10 2.02 -24.87
C GLU A 211 3.68 1.43 -23.49
N PRO A 212 4.51 0.54 -22.95
CA PRO A 212 4.21 -0.02 -21.65
C PRO A 212 4.59 0.94 -20.52
N ASN A 213 3.82 0.96 -19.44
CA ASN A 213 4.21 1.76 -18.31
C ASN A 213 4.14 0.93 -17.04
N VAL A 214 4.97 1.29 -16.06
CA VAL A 214 5.05 0.56 -14.83
C VAL A 214 3.71 0.63 -14.07
N SER A 215 3.34 -0.47 -13.44
CA SER A 215 2.07 -0.56 -12.77
C SER A 215 2.19 -0.35 -11.29
N TYR A 216 3.40 -0.15 -10.77
CA TYR A 216 3.58 0.06 -9.33
C TYR A 216 3.46 1.52 -8.89
N ILE A 217 3.01 2.40 -9.80
CA ILE A 217 2.77 3.80 -9.40
C ILE A 217 1.40 3.95 -8.69
N CYS A 218 1.22 5.08 -8.03
CA CYS A 218 -0.03 5.46 -7.41
C CYS A 218 -0.21 4.84 -6.03
N SER A 219 -0.79 5.61 -5.13
CA SER A 219 -0.78 5.29 -3.72
C SER A 219 -1.96 4.42 -3.34
N ARG A 220 -1.67 3.55 -2.38
N ARG A 220 -1.73 3.39 -2.53
CA ARG A 220 -2.62 2.73 -1.63
CA ARG A 220 -2.63 2.21 -2.40
C ARG A 220 -3.88 3.50 -1.30
C ARG A 220 -4.14 2.38 -2.55
N TYR A 221 -4.98 2.92 -1.73
N TYR A 221 -4.68 3.25 -1.70
CA TYR A 221 -6.33 3.42 -1.56
CA TYR A 221 -6.13 3.44 -1.57
C TYR A 221 -6.81 4.04 -2.86
C TYR A 221 -6.74 3.99 -2.84
N TYR A 222 -5.90 4.65 -3.62
CA TYR A 222 -6.31 5.46 -4.77
C TYR A 222 -6.00 4.80 -6.09
N ARG A 223 -5.58 3.53 -6.05
CA ARG A 223 -5.14 2.84 -7.27
C ARG A 223 -6.29 2.22 -8.02
N ALA A 224 -6.33 2.51 -9.31
CA ALA A 224 -7.35 1.93 -10.20
C ALA A 224 -7.20 0.41 -10.24
N PRO A 225 -8.30 -0.32 -10.47
CA PRO A 225 -8.23 -1.76 -10.48
C PRO A 225 -7.27 -2.32 -11.50
N GLU A 226 -7.12 -1.64 -12.64
CA GLU A 226 -6.23 -2.15 -13.67
C GLU A 226 -4.78 -2.06 -13.19
N LEU A 227 -4.49 -1.08 -12.35
CA LEU A 227 -3.17 -1.04 -11.71
C LEU A 227 -2.95 -2.20 -10.72
N ILE A 228 -3.99 -2.53 -9.96
CA ILE A 228 -3.93 -3.58 -8.98
C ILE A 228 -3.72 -4.90 -9.73
N PHE A 229 -4.39 -5.05 -10.86
CA PHE A 229 -4.21 -6.23 -11.72
C PHE A 229 -2.93 -6.20 -12.54
N GLY A 230 -2.04 -5.25 -12.33
CA GLY A 230 -0.73 -5.25 -13.01
C GLY A 230 -0.67 -4.83 -14.48
N ALA A 231 -1.71 -4.16 -14.99
CA ALA A 231 -1.72 -3.71 -16.38
C ALA A 231 -0.60 -2.72 -16.65
N THR A 232 0.01 -2.85 -17.82
CA THR A 232 1.02 -1.89 -18.23
C THR A 232 0.57 -1.03 -19.41
N ASP A 233 -0.64 -1.28 -19.93
CA ASP A 233 -1.20 -0.53 -21.05
C ASP A 233 -2.32 0.43 -20.61
N TYR A 234 -2.31 0.82 -19.34
CA TYR A 234 -3.31 1.73 -18.80
C TYR A 234 -3.24 3.16 -19.39
N THR A 235 -4.34 3.88 -19.30
CA THR A 235 -4.44 5.25 -19.81
C THR A 235 -4.57 6.26 -18.67
N SER A 236 -4.76 7.52 -19.03
CA SER A 236 -4.90 8.61 -18.11
C SER A 236 -6.13 8.43 -17.23
N SER A 237 -7.04 7.56 -17.62
CA SER A 237 -8.21 7.30 -16.82
C SER A 237 -7.88 6.78 -15.40
N ILE A 238 -6.66 6.34 -15.14
CA ILE A 238 -6.31 6.00 -13.76
C ILE A 238 -6.43 7.19 -12.83
N ASP A 239 -6.06 8.39 -13.31
CA ASP A 239 -6.22 9.63 -12.58
C ASP A 239 -7.69 9.90 -12.19
N VAL A 240 -8.59 9.50 -13.07
CA VAL A 240 -9.97 9.77 -12.82
C VAL A 240 -10.52 8.87 -11.76
N TRP A 241 -10.17 7.57 -11.80
CA TRP A 241 -10.44 6.65 -10.69
C TRP A 241 -9.94 7.21 -9.36
N SER A 242 -8.69 7.62 -9.34
CA SER A 242 -8.14 8.21 -8.14
C SER A 242 -8.95 9.41 -7.66
N ALA A 243 -9.39 10.26 -8.60
CA ALA A 243 -10.17 11.47 -8.25
C ALA A 243 -11.50 11.05 -7.65
N GLY A 244 -12.03 9.97 -8.18
CA GLY A 244 -13.27 9.39 -7.67
C GLY A 244 -13.11 8.90 -6.25
N CYS A 245 -11.95 8.33 -5.93
CA CYS A 245 -11.73 7.82 -4.59
C CYS A 245 -11.63 9.00 -3.66
N VAL A 246 -11.06 10.09 -4.15
CA VAL A 246 -10.97 11.32 -3.35
C VAL A 246 -12.32 11.91 -3.05
N LEU A 247 -13.17 12.03 -4.07
CA LEU A 247 -14.53 12.47 -3.88
C LEU A 247 -15.23 11.56 -2.83
N ALA A 248 -15.20 10.25 -3.04
CA ALA A 248 -15.96 9.34 -2.21
C ALA A 248 -15.51 9.52 -0.77
N GLU A 249 -14.20 9.62 -0.57
CA GLU A 249 -13.61 9.87 0.73
C GLU A 249 -14.02 11.16 1.43
N LEU A 250 -14.11 12.24 0.67
CA LEU A 250 -14.59 13.50 1.25
C LEU A 250 -16.09 13.42 1.62
N LEU A 251 -16.82 12.56 0.93
CA LEU A 251 -18.23 12.39 1.27
C LEU A 251 -18.41 11.43 2.45
N LEU A 252 -17.64 10.36 2.50
CA LEU A 252 -17.73 9.38 3.58
C LEU A 252 -16.99 9.74 4.87
N GLY A 253 -15.93 10.53 4.80
CA GLY A 253 -15.11 10.80 5.99
C GLY A 253 -13.97 9.81 6.21
N GLN A 254 -13.84 8.85 5.31
CA GLN A 254 -12.81 7.85 5.39
C GLN A 254 -12.63 7.27 3.98
N PRO A 255 -11.50 6.64 3.71
CA PRO A 255 -11.25 6.12 2.37
C PRO A 255 -12.28 5.09 1.99
N ILE A 256 -12.66 4.99 0.72
CA ILE A 256 -13.73 4.05 0.29
C ILE A 256 -13.21 2.64 0.01
N PHE A 257 -11.97 2.54 -0.46
CA PHE A 257 -11.38 1.23 -0.77
C PHE A 257 -10.06 0.96 -0.04
N PRO A 258 -10.10 0.91 1.32
CA PRO A 258 -8.86 0.70 2.08
C PRO A 258 -8.43 -0.76 2.01
N GLY A 259 -7.23 -1.06 2.46
CA GLY A 259 -6.70 -2.41 2.48
C GLY A 259 -5.19 -2.35 2.41
N ASP A 260 -4.52 -3.17 3.20
CA ASP A 260 -3.07 -3.24 3.16
C ASP A 260 -2.53 -4.06 2.02
N SER A 261 -3.39 -4.82 1.32
CA SER A 261 -2.96 -5.59 0.16
C SER A 261 -3.88 -5.31 -1.00
N GLY A 262 -3.42 -5.59 -2.23
CA GLY A 262 -4.28 -5.54 -3.41
C GLY A 262 -5.56 -6.34 -3.23
N VAL A 263 -5.39 -7.57 -2.80
CA VAL A 263 -6.49 -8.47 -2.49
C VAL A 263 -7.51 -7.77 -1.65
N ASP A 264 -7.09 -7.18 -0.53
CA ASP A 264 -8.05 -6.49 0.36
C ASP A 264 -8.69 -5.27 -0.31
N GLN A 265 -7.95 -4.58 -1.17
CA GLN A 265 -8.53 -3.43 -1.86
C GLN A 265 -9.56 -3.93 -2.87
N LEU A 266 -9.24 -5.01 -3.58
CA LEU A 266 -10.21 -5.54 -4.53
C LEU A 266 -11.47 -5.98 -3.82
N VAL A 267 -11.34 -6.54 -2.64
CA VAL A 267 -12.51 -7.01 -1.92
C VAL A 267 -13.42 -5.83 -1.61
N GLU A 268 -12.85 -4.72 -1.16
CA GLU A 268 -13.64 -3.53 -0.89
C GLU A 268 -14.24 -2.95 -2.17
N ILE A 269 -13.50 -3.01 -3.27
CA ILE A 269 -14.01 -2.52 -4.53
C ILE A 269 -15.20 -3.38 -4.98
N ILE A 270 -15.07 -4.69 -4.81
CA ILE A 270 -16.09 -5.64 -5.21
C ILE A 270 -17.36 -5.47 -4.36
N LYS A 271 -17.20 -5.24 -3.07
CA LYS A 271 -18.36 -4.99 -2.19
C LYS A 271 -19.23 -3.85 -2.68
N VAL A 272 -18.63 -2.84 -3.32
CA VAL A 272 -19.38 -1.70 -3.82
C VAL A 272 -19.81 -1.88 -5.27
N LEU A 273 -18.88 -2.19 -6.15
CA LEU A 273 -19.19 -2.24 -7.59
C LEU A 273 -19.87 -3.53 -8.01
N GLY A 274 -19.80 -4.57 -7.18
CA GLY A 274 -20.22 -5.90 -7.60
C GLY A 274 -19.07 -6.61 -8.27
N THR A 275 -19.20 -7.92 -8.44
CA THR A 275 -18.19 -8.71 -9.14
C THR A 275 -18.02 -8.23 -10.58
N PRO A 276 -16.77 -8.06 -11.02
CA PRO A 276 -16.61 -7.66 -12.41
C PRO A 276 -16.94 -8.81 -13.34
N THR A 277 -17.64 -8.51 -14.43
CA THR A 277 -17.85 -9.47 -15.50
C THR A 277 -16.53 -9.75 -16.23
N ARG A 278 -16.56 -10.76 -17.10
CA ARG A 278 -15.38 -11.15 -17.88
C ARG A 278 -14.97 -10.04 -18.87
N GLU A 279 -15.96 -9.38 -19.49
CA GLU A 279 -15.69 -8.28 -20.41
C GLU A 279 -14.98 -7.12 -19.67
N GLN A 280 -15.43 -6.84 -18.44
CA GLN A 280 -14.79 -5.83 -17.59
C GLN A 280 -13.37 -6.25 -17.22
N ILE A 281 -13.16 -7.53 -16.92
CA ILE A 281 -11.82 -8.00 -16.61
C ILE A 281 -10.88 -7.79 -17.78
N ARG A 282 -11.35 -8.12 -18.99
CA ARG A 282 -10.51 -8.05 -20.20
C ARG A 282 -10.12 -6.59 -20.46
N GLU A 283 -11.05 -5.68 -20.17
CA GLU A 283 -10.81 -4.25 -20.32
C GLU A 283 -9.73 -3.74 -19.34
N MET A 284 -9.71 -4.30 -18.12
CA MET A 284 -8.69 -3.96 -17.11
C MET A 284 -7.33 -4.61 -17.40
N ASN A 285 -7.28 -5.95 -17.42
CA ASN A 285 -6.05 -6.67 -17.78
C ASN A 285 -6.38 -8.04 -18.34
N PRO A 286 -6.10 -8.25 -19.65
CA PRO A 286 -6.36 -9.51 -20.37
C PRO A 286 -5.80 -10.79 -19.71
N ASN A 287 -4.55 -10.74 -19.23
CA ASN A 287 -3.93 -11.93 -18.62
C ASN A 287 -4.61 -12.42 -17.30
N TYR A 288 -5.77 -11.86 -16.92
CA TYR A 288 -6.54 -12.32 -15.74
C TYR A 288 -8.01 -12.73 -16.09
N THR A 289 -8.34 -12.84 -17.37
CA THR A 289 -9.70 -13.22 -17.79
C THR A 289 -10.01 -14.66 -17.36
N PHE A 291 -7.65 -15.67 -12.60
CA PHE A 291 -8.23 -16.06 -11.32
C PHE A 291 -9.76 -16.01 -11.35
N LYS A 292 -10.38 -16.73 -10.41
CA LYS A 292 -11.82 -16.62 -10.14
C LYS A 292 -12.06 -15.68 -8.94
N PHE A 293 -13.14 -14.89 -9.01
CA PHE A 293 -13.44 -13.87 -7.99
C PHE A 293 -14.64 -14.26 -7.13
N PRO A 294 -14.68 -13.78 -5.86
CA PRO A 294 -15.90 -14.00 -5.08
C PRO A 294 -17.12 -13.37 -5.79
N GLN A 295 -18.25 -14.09 -5.81
CA GLN A 295 -19.44 -13.68 -6.58
C GLN A 295 -20.36 -12.83 -5.70
N ILE A 296 -20.21 -11.51 -5.80
CA ILE A 296 -20.90 -10.56 -4.93
C ILE A 296 -21.77 -9.63 -5.80
N LYS A 297 -22.98 -9.36 -5.31
CA LYS A 297 -23.97 -8.51 -6.01
C LYS A 297 -23.64 -7.03 -5.74
N ALA A 298 -23.93 -6.16 -6.69
CA ALA A 298 -23.62 -4.72 -6.55
C ALA A 298 -24.36 -4.12 -5.35
N HIS A 299 -23.64 -3.31 -4.57
CA HIS A 299 -24.24 -2.56 -3.45
C HIS A 299 -24.73 -1.22 -4.01
N PRO A 300 -26.05 -0.98 -3.92
CA PRO A 300 -26.61 0.24 -4.52
C PRO A 300 -25.93 1.44 -3.88
N TRP A 301 -25.24 2.20 -4.71
CA TRP A 301 -24.48 3.36 -4.27
C TRP A 301 -25.17 4.30 -3.23
N THR A 302 -26.50 4.47 -3.33
CA THR A 302 -27.25 5.25 -2.32
C THR A 302 -27.06 4.67 -0.91
N LYS A 303 -26.88 3.35 -0.84
CA LYS A 303 -26.57 2.64 0.42
C LYS A 303 -25.14 2.87 0.95
N VAL A 304 -24.21 3.22 0.06
CA VAL A 304 -22.81 3.40 0.43
C VAL A 304 -22.55 4.65 1.28
N PHE A 305 -23.24 5.76 0.97
CA PHE A 305 -23.03 7.04 1.63
C PHE A 305 -24.06 7.37 2.73
N ARG A 306 -23.76 8.38 3.53
CA ARG A 306 -24.66 8.82 4.60
C ARG A 306 -25.97 9.34 3.99
N PRO A 307 -27.08 9.20 4.73
CA PRO A 307 -28.44 9.40 4.20
C PRO A 307 -28.71 10.69 3.41
N ARG A 308 -28.16 11.84 3.83
CA ARG A 308 -28.41 13.11 3.14
C ARG A 308 -27.29 13.52 2.15
N THR A 309 -26.49 12.56 1.69
CA THR A 309 -25.52 12.83 0.65
C THR A 309 -26.26 13.25 -0.62
N PRO A 310 -25.85 14.37 -1.22
CA PRO A 310 -26.58 14.78 -2.40
C PRO A 310 -26.53 13.73 -3.51
N PRO A 311 -27.70 13.40 -4.09
CA PRO A 311 -27.73 12.29 -5.04
C PRO A 311 -26.86 12.51 -6.26
N GLU A 312 -26.60 13.76 -6.63
CA GLU A 312 -25.79 14.03 -7.81
C GLU A 312 -24.33 13.75 -7.46
N ALA A 313 -23.95 13.85 -6.18
CA ALA A 313 -22.59 13.49 -5.74
C ALA A 313 -22.36 11.99 -5.92
N ILE A 314 -23.39 11.24 -5.58
CA ILE A 314 -23.37 9.80 -5.67
C ILE A 314 -23.37 9.37 -7.13
N ALA A 315 -24.16 10.04 -7.96
CA ALA A 315 -24.18 9.71 -9.39
C ALA A 315 -22.78 9.98 -9.99
N LEU A 316 -22.16 11.08 -9.58
CA LEU A 316 -20.83 11.39 -10.08
C LEU A 316 -19.82 10.28 -9.69
N CYS A 317 -19.78 9.84 -8.43
CA CYS A 317 -18.87 8.76 -8.05
C CYS A 317 -19.10 7.53 -8.89
N SER A 318 -20.35 7.20 -9.12
CA SER A 318 -20.68 5.99 -9.84
C SER A 318 -20.15 6.05 -11.27
N ARG A 319 -19.91 7.25 -11.79
CA ARG A 319 -19.44 7.41 -13.18
C ARG A 319 -17.96 7.60 -13.28
N LEU A 320 -17.31 7.75 -12.14
CA LEU A 320 -15.87 7.83 -12.07
C LEU A 320 -15.29 6.49 -11.74
N LEU A 321 -15.95 5.81 -10.82
CA LEU A 321 -15.43 4.60 -10.22
C LEU A 321 -16.07 3.45 -10.94
N GLU A 322 -15.70 3.27 -12.20
CA GLU A 322 -16.20 2.17 -13.03
C GLU A 322 -15.03 1.24 -13.29
N TYR A 323 -15.28 -0.06 -13.34
CA TYR A 323 -14.28 -1.03 -13.77
C TYR A 323 -13.66 -0.73 -15.11
N THR A 324 -14.49 -0.60 -16.13
CA THR A 324 -14.00 -0.38 -17.51
C THR A 324 -13.43 1.01 -17.62
N PRO A 325 -12.12 1.11 -17.85
CA PRO A 325 -11.48 2.40 -17.93
C PRO A 325 -12.09 3.39 -18.93
N THR A 326 -12.55 2.91 -20.07
CA THR A 326 -13.11 3.79 -21.12
C THR A 326 -14.53 4.19 -20.77
N ALA A 327 -15.20 3.45 -19.88
CA ALA A 327 -16.53 3.85 -19.39
C ALA A 327 -16.51 5.01 -18.34
N ARG A 328 -15.35 5.35 -17.81
CA ARG A 328 -15.26 6.44 -16.84
C ARG A 328 -15.42 7.81 -17.55
N LEU A 329 -15.98 8.77 -16.84
CA LEU A 329 -16.02 10.14 -17.33
C LEU A 329 -14.61 10.62 -17.56
N THR A 330 -14.40 11.40 -18.60
CA THR A 330 -13.16 12.19 -18.71
C THR A 330 -13.28 13.33 -17.70
N PRO A 331 -12.14 13.92 -17.33
CA PRO A 331 -12.12 15.03 -16.41
C PRO A 331 -13.04 16.18 -16.85
N LEU A 332 -13.06 16.45 -18.15
CA LEU A 332 -13.84 17.58 -18.65
C LEU A 332 -15.31 17.25 -18.61
N GLU A 333 -15.67 16.01 -18.88
CA GLU A 333 -17.06 15.62 -18.63
C GLU A 333 -17.45 15.66 -17.14
N ALA A 334 -16.48 15.47 -16.24
CA ALA A 334 -16.81 15.44 -14.82
C ALA A 334 -17.13 16.87 -14.42
N CYS A 335 -16.29 17.82 -14.85
CA CYS A 335 -16.54 19.26 -14.65
C CYS A 335 -17.96 19.69 -15.07
N ALA A 336 -18.46 19.12 -16.17
CA ALA A 336 -19.83 19.40 -16.70
C ALA A 336 -20.93 18.64 -16.02
N HIS A 337 -20.57 17.78 -15.07
CA HIS A 337 -21.59 17.06 -14.34
C HIS A 337 -22.51 17.99 -13.48
N SER A 338 -23.77 17.59 -13.31
CA SER A 338 -24.76 18.32 -12.50
C SER A 338 -24.35 18.54 -11.05
N PHE A 339 -23.60 17.62 -10.46
CA PHE A 339 -23.04 17.86 -9.10
C PHE A 339 -22.41 19.26 -9.01
N PHE A 340 -21.85 19.75 -10.12
CA PHE A 340 -21.21 21.05 -10.11
C PHE A 340 -22.09 22.23 -10.53
N ASP A 341 -23.39 22.01 -10.72
CA ASP A 341 -24.30 23.10 -11.17
C ASP A 341 -24.29 24.30 -10.25
N GLU A 342 -24.25 24.06 -8.95
CA GLU A 342 -24.23 25.17 -7.99
C GLU A 342 -23.04 26.10 -8.19
N LEU A 343 -21.92 25.57 -8.67
CA LEU A 343 -20.77 26.40 -8.89
C LEU A 343 -20.97 27.32 -10.09
N ARG A 344 -21.96 27.02 -10.93
CA ARG A 344 -22.19 27.80 -12.14
C ARG A 344 -23.27 28.85 -11.93
N ASP A 345 -23.84 28.85 -10.73
CA ASP A 345 -24.83 29.83 -10.35
C ASP A 345 -24.15 31.18 -10.21
N PRO A 346 -24.72 32.22 -10.81
CA PRO A 346 -24.11 33.57 -10.72
C PRO A 346 -23.98 34.12 -9.28
N ASN A 347 -24.83 33.70 -8.36
CA ASN A 347 -24.78 34.27 -7.00
C ASN A 347 -24.08 33.39 -5.97
N VAL A 348 -23.40 32.34 -6.42
CA VAL A 348 -22.69 31.45 -5.53
C VAL A 348 -21.51 32.18 -4.88
N LYS A 349 -21.35 31.97 -3.59
CA LYS A 349 -20.26 32.58 -2.83
C LYS A 349 -19.64 31.53 -1.93
N LEU A 350 -18.42 31.76 -1.44
CA LEU A 350 -17.91 30.89 -0.36
C LEU A 350 -18.72 31.21 0.91
N PRO A 351 -18.77 30.27 1.85
CA PRO A 351 -19.43 30.53 3.15
C PRO A 351 -18.88 31.79 3.88
N ASN A 352 -17.58 32.03 3.84
CA ASN A 352 -16.99 33.24 4.40
C ASN A 352 -17.31 34.55 3.61
N GLY A 353 -18.35 34.52 2.77
CA GLY A 353 -18.74 35.66 1.95
C GLY A 353 -17.91 36.01 0.72
N ARG A 354 -16.70 35.46 0.55
CA ARG A 354 -15.90 35.80 -0.65
C ARG A 354 -16.43 35.16 -1.92
N ASP A 355 -15.99 35.69 -3.05
CA ASP A 355 -16.30 35.10 -4.33
C ASP A 355 -15.55 33.79 -4.49
N THR A 356 -16.11 32.92 -5.34
CA THR A 356 -15.43 31.70 -5.68
C THR A 356 -14.17 32.04 -6.46
N PRO A 357 -13.24 31.11 -6.52
CA PRO A 357 -12.11 31.42 -7.41
C PRO A 357 -12.57 31.34 -8.86
N ALA A 358 -11.66 31.62 -9.77
CA ALA A 358 -12.01 31.55 -11.20
C ALA A 358 -12.27 30.07 -11.58
N LEU A 359 -13.40 29.83 -12.21
CA LEU A 359 -13.83 28.49 -12.53
C LEU A 359 -14.18 28.25 -13.99
N PHE A 360 -14.29 29.34 -14.75
CA PHE A 360 -14.79 29.27 -16.12
C PHE A 360 -13.84 29.83 -17.18
N ASN A 361 -12.62 30.21 -16.82
CA ASN A 361 -11.73 30.79 -17.80
C ASN A 361 -10.98 29.68 -18.53
N PHE A 362 -11.75 28.81 -19.18
CA PHE A 362 -11.18 27.70 -19.91
C PHE A 362 -10.40 28.15 -21.14
N THR A 363 -9.19 27.66 -21.36
CA THR A 363 -8.46 27.86 -22.63
C THR A 363 -8.77 26.75 -23.64
N THR A 364 -8.47 26.99 -24.92
CA THR A 364 -8.65 26.01 -26.01
C THR A 364 -7.94 24.68 -25.71
N GLN A 365 -6.72 24.77 -25.19
CA GLN A 365 -5.96 23.61 -24.72
C GLN A 365 -6.84 22.79 -23.72
N GLU A 366 -7.37 23.44 -22.69
CA GLU A 366 -8.23 22.76 -21.71
C GLU A 366 -9.44 22.14 -22.30
N LEU A 367 -10.02 22.78 -23.31
CA LEU A 367 -11.29 22.30 -23.91
C LEU A 367 -11.08 21.29 -25.01
N SER A 368 -9.82 21.13 -25.41
CA SER A 368 -9.51 20.46 -26.66
C SER A 368 -10.01 19.01 -26.79
N SER A 369 -10.28 18.32 -25.69
CA SER A 369 -10.76 16.94 -25.79
C SER A 369 -12.23 16.86 -26.16
N ASN A 370 -12.95 17.98 -26.05
CA ASN A 370 -14.40 18.01 -26.35
C ASN A 370 -14.94 19.44 -26.39
N PRO A 371 -14.60 20.19 -27.44
CA PRO A 371 -14.91 21.61 -27.39
C PRO A 371 -16.37 22.00 -27.17
N PRO A 372 -17.34 21.18 -27.60
CA PRO A 372 -18.76 21.51 -27.33
C PRO A 372 -19.22 21.48 -25.88
N LEU A 373 -18.41 20.91 -24.99
CA LEU A 373 -18.75 20.95 -23.57
C LEU A 373 -18.66 22.38 -23.03
N ALA A 374 -18.01 23.28 -23.76
CA ALA A 374 -18.03 24.71 -23.43
C ALA A 374 -19.44 25.23 -23.19
N THR A 375 -20.42 24.70 -23.93
CA THR A 375 -21.80 25.15 -23.83
C THR A 375 -22.41 24.94 -22.45
N ILE A 376 -21.87 23.99 -21.68
CA ILE A 376 -22.24 23.79 -20.27
C ILE A 376 -21.21 24.42 -19.32
N LEU A 377 -19.93 24.30 -19.64
CA LEU A 377 -18.90 24.68 -18.70
C LEU A 377 -18.81 26.17 -18.45
N ILE A 378 -18.99 26.96 -19.50
CA ILE A 378 -18.95 28.40 -19.38
C ILE A 378 -20.40 28.87 -19.23
N PRO A 379 -20.85 29.18 -18.00
CA PRO A 379 -22.27 29.53 -17.90
C PRO A 379 -22.58 30.90 -18.52
N PRO A 380 -23.84 31.11 -18.91
CA PRO A 380 -24.29 32.37 -19.53
C PRO A 380 -23.75 33.64 -18.89
N HIS A 381 -23.73 33.73 -17.55
CA HIS A 381 -23.25 35.00 -16.92
C HIS A 381 -21.78 35.23 -17.13
N ALA A 382 -21.00 34.15 -17.26
CA ALA A 382 -19.56 34.25 -17.52
C ALA A 382 -19.26 34.67 -18.96
N ARG A 383 -20.28 34.72 -19.81
CA ARG A 383 -20.14 35.25 -21.17
C ARG A 383 -20.79 36.60 -21.42
N ILE A 384 -20.98 37.40 -20.38
CA ILE A 384 -21.53 38.74 -20.54
C ILE A 384 -20.37 39.71 -20.85
N GLN A 385 -20.62 40.61 -21.82
CA GLN A 385 -19.64 41.63 -22.25
C GLN A 385 -19.48 42.76 -21.23
N SER B 35 -23.86 -17.00 29.62
CA SER B 35 -24.00 -16.71 28.16
C SER B 35 -24.63 -17.90 27.41
N LYS B 36 -24.84 -17.72 26.10
CA LYS B 36 -25.38 -18.76 25.23
C LYS B 36 -24.39 -19.94 25.10
N VAL B 37 -24.91 -21.17 25.12
CA VAL B 37 -24.17 -22.35 24.64
C VAL B 37 -24.62 -22.61 23.20
N THR B 38 -23.66 -22.80 22.30
CA THR B 38 -23.94 -23.14 20.91
C THR B 38 -23.44 -24.56 20.64
N THR B 39 -24.34 -25.41 20.15
CA THR B 39 -23.98 -26.77 19.79
C THR B 39 -24.09 -26.95 18.29
N VAL B 40 -23.04 -27.47 17.69
CA VAL B 40 -23.01 -27.69 16.24
C VAL B 40 -22.49 -29.11 16.03
N VAL B 41 -22.74 -29.64 14.84
CA VAL B 41 -22.12 -30.87 14.41
C VAL B 41 -20.99 -30.51 13.47
N ALA B 42 -19.75 -30.80 13.87
CA ALA B 42 -18.58 -30.32 13.15
C ALA B 42 -17.64 -31.47 12.81
N THR B 43 -16.89 -31.29 11.72
CA THR B 43 -16.01 -32.27 11.19
C THR B 43 -14.60 -32.01 11.71
N PRO B 44 -13.95 -33.01 12.29
CA PRO B 44 -12.55 -32.82 12.71
C PRO B 44 -11.64 -32.38 11.57
N GLY B 45 -10.76 -31.43 11.88
CA GLY B 45 -9.94 -30.83 10.86
C GLY B 45 -9.05 -31.81 10.18
N GLN B 46 -8.56 -32.77 10.95
CA GLN B 46 -7.70 -33.81 10.40
C GLN B 46 -8.32 -35.18 10.61
N GLY B 47 -7.79 -36.17 9.91
CA GLY B 47 -8.32 -37.53 10.00
C GLY B 47 -9.66 -37.68 9.28
N PRO B 48 -10.44 -38.68 9.69
CA PRO B 48 -11.59 -39.13 8.90
C PRO B 48 -12.83 -38.25 9.01
N ASP B 49 -13.60 -38.13 7.92
CA ASP B 49 -14.86 -37.36 7.94
C ASP B 49 -15.92 -37.97 8.85
N ARG B 50 -15.78 -37.68 10.14
CA ARG B 50 -16.60 -38.27 11.14
C ARG B 50 -17.04 -37.18 12.07
N PRO B 51 -18.10 -36.48 11.72
CA PRO B 51 -18.49 -35.29 12.48
C PRO B 51 -19.03 -35.57 13.85
N GLN B 52 -18.88 -34.60 14.74
CA GLN B 52 -19.31 -34.77 16.11
C GLN B 52 -19.93 -33.52 16.64
N GLU B 53 -20.70 -33.72 17.69
CA GLU B 53 -21.39 -32.67 18.40
C GLU B 53 -20.30 -31.89 19.15
N VAL B 54 -20.20 -30.61 18.83
CA VAL B 54 -19.28 -29.69 19.51
C VAL B 54 -20.08 -28.54 20.06
N SER B 55 -19.91 -28.31 21.35
CA SER B 55 -20.58 -27.26 22.10
C SER B 55 -19.58 -26.20 22.56
N TYR B 56 -19.91 -24.94 22.36
CA TYR B 56 -19.04 -23.87 22.84
C TYR B 56 -19.85 -22.74 23.41
N THR B 57 -19.17 -21.89 24.17
CA THR B 57 -19.76 -20.71 24.81
C THR B 57 -18.79 -19.51 24.86
N ASP B 58 -19.28 -18.36 25.36
CA ASP B 58 -18.45 -17.17 25.66
C ASP B 58 -17.82 -16.57 24.41
N THR B 59 -18.65 -16.35 23.41
CA THR B 59 -18.21 -15.98 22.08
C THR B 59 -18.05 -14.48 22.02
N LYS B 60 -16.83 -14.03 21.72
CA LYS B 60 -16.48 -12.61 21.62
C LYS B 60 -15.84 -12.40 20.25
N VAL B 61 -16.07 -11.25 19.65
CA VAL B 61 -15.39 -10.94 18.39
C VAL B 61 -13.92 -10.56 18.64
N ILE B 62 -13.00 -11.25 17.97
CA ILE B 62 -11.60 -10.83 18.02
C ILE B 62 -11.40 -9.69 17.02
N GLY B 63 -11.89 -9.86 15.81
CA GLY B 63 -11.73 -8.83 14.80
C GLY B 63 -12.43 -9.24 13.52
N ASN B 64 -12.43 -8.35 12.55
CA ASN B 64 -13.00 -8.65 11.26
C ASN B 64 -12.31 -7.82 10.18
N GLY B 65 -12.45 -8.29 8.94
CA GLY B 65 -11.91 -7.62 7.78
C GLY B 65 -12.02 -8.54 6.59
N SER B 66 -11.11 -8.34 5.62
CA SER B 66 -11.08 -9.10 4.37
C SER B 66 -11.01 -10.59 4.57
N PHE B 67 -10.38 -11.00 5.66
CA PHE B 67 -10.29 -12.40 6.06
C PHE B 67 -11.57 -12.98 6.65
N GLY B 68 -12.61 -12.16 6.82
CA GLY B 68 -13.88 -12.60 7.43
C GLY B 68 -14.00 -12.10 8.86
N VAL B 69 -14.53 -12.94 9.74
CA VAL B 69 -14.71 -12.56 11.13
C VAL B 69 -14.09 -13.63 12.00
N VAL B 70 -13.22 -13.22 12.92
CA VAL B 70 -12.60 -14.12 13.86
C VAL B 70 -13.23 -13.90 15.22
N TYR B 71 -13.79 -15.00 15.76
CA TYR B 71 -14.37 -14.98 17.08
C TYR B 71 -13.48 -15.74 18.02
N GLN B 72 -13.66 -15.49 19.31
CA GLN B 72 -13.05 -16.31 20.35
C GLN B 72 -14.18 -17.01 21.05
N ALA B 73 -13.97 -18.30 21.38
CA ALA B 73 -14.95 -19.03 22.15
C ALA B 73 -14.27 -20.00 23.09
N LYS B 74 -15.08 -20.58 23.97
CA LYS B 74 -14.61 -21.59 24.92
C LYS B 74 -15.33 -22.90 24.64
N LEU B 75 -14.56 -23.96 24.46
CA LEU B 75 -15.14 -25.31 24.30
C LEU B 75 -15.70 -25.81 25.63
N CYS B 76 -16.99 -26.16 25.67
CA CYS B 76 -17.61 -26.66 26.93
C CYS B 76 -16.92 -27.91 27.47
N ASP B 77 -16.65 -28.87 26.60
CA ASP B 77 -16.01 -30.11 27.01
C ASP B 77 -14.72 -29.88 27.84
N SER B 78 -13.86 -28.97 27.39
CA SER B 78 -12.52 -28.82 27.94
C SER B 78 -12.23 -27.47 28.62
N GLY B 79 -13.06 -26.47 28.35
CA GLY B 79 -12.76 -25.11 28.79
C GLY B 79 -11.67 -24.44 27.95
N GLU B 80 -11.12 -25.14 26.97
CA GLU B 80 -10.07 -24.60 26.11
C GLU B 80 -10.63 -23.50 25.22
N LEU B 81 -9.86 -22.43 25.07
CA LEU B 81 -10.24 -21.33 24.19
C LEU B 81 -9.85 -21.68 22.77
N VAL B 82 -10.72 -21.35 21.83
CA VAL B 82 -10.49 -21.56 20.41
C VAL B 82 -10.89 -20.29 19.69
N ALA B 83 -10.39 -20.16 18.47
CA ALA B 83 -10.80 -19.11 17.56
C ALA B 83 -11.76 -19.73 16.51
N ILE B 84 -12.78 -18.99 16.10
CA ILE B 84 -13.65 -19.42 15.00
C ILE B 84 -13.62 -18.40 13.91
N LYS B 85 -13.07 -18.77 12.74
CA LYS B 85 -13.03 -17.89 11.57
C LYS B 85 -14.21 -18.22 10.65
N LYS B 86 -15.03 -17.21 10.40
CA LYS B 86 -16.26 -17.36 9.62
C LYS B 86 -16.10 -16.60 8.33
N VAL B 87 -16.29 -17.29 7.19
CA VAL B 87 -16.22 -16.70 5.85
C VAL B 87 -17.43 -17.17 5.03
N LEU B 88 -17.84 -16.34 4.08
CA LEU B 88 -18.93 -16.69 3.19
C LEU B 88 -18.45 -17.80 2.27
N GLN B 89 -19.23 -18.86 2.10
CA GLN B 89 -18.83 -19.98 1.25
C GLN B 89 -19.46 -19.86 -0.14
N ASP B 90 -18.63 -19.80 -1.18
CA ASP B 90 -19.11 -19.84 -2.58
C ASP B 90 -19.71 -21.22 -2.91
N LYS B 91 -20.95 -21.23 -3.41
CA LYS B 91 -21.61 -22.49 -3.80
C LYS B 91 -20.80 -23.20 -4.93
N ARG B 92 -20.24 -22.39 -5.82
CA ARG B 92 -19.61 -22.83 -7.08
C ARG B 92 -18.19 -23.40 -6.98
N PHE B 93 -17.66 -23.54 -5.76
CA PHE B 93 -16.27 -24.01 -5.60
C PHE B 93 -15.95 -24.50 -4.17
N LYS B 94 -14.87 -25.25 -4.06
CA LYS B 94 -14.41 -25.71 -2.75
C LYS B 94 -13.54 -24.62 -2.09
N ASN B 95 -13.66 -24.44 -0.78
CA ASN B 95 -12.88 -23.42 -0.08
C ASN B 95 -11.41 -23.82 -0.04
N ARG B 96 -10.58 -23.10 -0.78
CA ARG B 96 -9.14 -23.40 -0.81
C ARG B 96 -8.47 -23.35 0.58
N GLU B 97 -8.91 -22.44 1.44
CA GLU B 97 -8.29 -22.32 2.76
C GLU B 97 -8.54 -23.58 3.58
N LEU B 98 -9.77 -24.09 3.54
CA LEU B 98 -10.11 -25.37 4.18
C LEU B 98 -9.26 -26.52 3.65
N GLN B 99 -9.18 -26.69 2.33
CA GLN B 99 -8.39 -27.80 1.79
C GLN B 99 -6.91 -27.75 2.26
N ILE B 100 -6.35 -26.56 2.38
CA ILE B 100 -4.98 -26.41 2.85
C ILE B 100 -4.88 -26.74 4.36
N MET B 101 -5.77 -26.20 5.19
CA MET B 101 -5.68 -26.38 6.62
C MET B 101 -5.91 -27.84 7.03
N ARG B 102 -6.74 -28.54 6.28
CA ARG B 102 -7.00 -29.95 6.58
C ARG B 102 -5.76 -30.81 6.38
N LYS B 103 -4.78 -30.33 5.59
CA LYS B 103 -3.52 -31.04 5.36
C LYS B 103 -2.40 -30.72 6.35
N LEU B 104 -2.55 -29.67 7.14
CA LEU B 104 -1.41 -29.08 7.88
C LEU B 104 -1.46 -29.49 9.33
N ASP B 105 -0.30 -29.90 9.82
CA ASP B 105 -0.16 -30.33 11.19
C ASP B 105 1.25 -29.98 11.66
N HIS B 106 1.40 -28.87 12.36
CA HIS B 106 2.73 -28.42 12.77
C HIS B 106 2.55 -27.54 13.97
N CYS B 107 3.52 -27.57 14.88
CA CYS B 107 3.40 -26.89 16.13
C CYS B 107 3.47 -25.38 15.98
N ASN B 108 4.00 -24.89 14.87
CA ASN B 108 4.01 -23.46 14.63
C ASN B 108 2.99 -22.93 13.62
N ILE B 109 1.86 -23.61 13.51
CA ILE B 109 0.78 -23.20 12.64
C ILE B 109 -0.50 -23.45 13.38
N VAL B 110 -1.42 -22.48 13.37
CA VAL B 110 -2.68 -22.71 14.05
C VAL B 110 -3.35 -23.97 13.49
N ARG B 111 -3.83 -24.81 14.36
CA ARG B 111 -4.38 -26.09 13.96
C ARG B 111 -5.87 -25.95 13.66
N LEU B 112 -6.34 -26.54 12.55
CA LEU B 112 -7.79 -26.65 12.31
C LEU B 112 -8.35 -27.77 13.22
N ARG B 113 -9.09 -27.42 14.24
CA ARG B 113 -9.69 -28.41 15.14
C ARG B 113 -10.95 -29.00 14.55
N TYR B 114 -11.80 -28.13 14.03
CA TYR B 114 -13.02 -28.53 13.38
C TYR B 114 -13.38 -27.52 12.32
N PHE B 115 -14.31 -27.94 11.46
CA PHE B 115 -15.06 -27.00 10.65
C PHE B 115 -16.52 -27.41 10.56
N PHE B 116 -17.35 -26.42 10.27
CA PHE B 116 -18.78 -26.59 10.07
C PHE B 116 -19.42 -25.45 9.25
N TYR B 117 -20.62 -25.71 8.71
CA TYR B 117 -21.38 -24.74 7.95
C TYR B 117 -22.53 -24.17 8.75
N SER B 118 -22.80 -22.87 8.59
CA SER B 118 -23.91 -22.19 9.25
C SER B 118 -24.53 -21.11 8.36
N SER B 119 -25.64 -20.56 8.82
CA SER B 119 -26.28 -19.42 8.17
C SER B 119 -26.19 -18.21 9.11
N GLY B 120 -25.21 -17.32 8.84
CA GLY B 120 -24.90 -16.10 9.64
C GLY B 120 -25.57 -14.77 9.22
N GLU B 121 -24.77 -13.78 8.81
CA GLU B 121 -25.27 -12.37 8.63
C GLU B 121 -26.10 -12.09 7.34
N LYS B 122 -25.55 -12.40 6.16
CA LYS B 122 -26.31 -12.30 4.89
C LYS B 122 -27.36 -13.45 4.78
N LYS B 123 -28.64 -13.08 4.60
CA LYS B 123 -29.79 -14.02 4.54
C LYS B 123 -29.70 -15.03 3.38
N ASP B 124 -30.14 -16.27 3.65
CA ASP B 124 -30.07 -17.40 2.69
C ASP B 124 -28.67 -17.68 2.06
N GLU B 125 -27.59 -17.19 2.68
CA GLU B 125 -26.22 -17.46 2.21
C GLU B 125 -25.52 -18.36 3.23
N VAL B 126 -24.58 -19.18 2.73
CA VAL B 126 -23.93 -20.21 3.55
C VAL B 126 -22.52 -19.82 4.02
N TYR B 127 -22.22 -20.04 5.29
CA TYR B 127 -20.92 -19.71 5.89
C TYR B 127 -20.10 -20.92 6.34
N LEU B 128 -18.82 -20.91 6.01
CA LEU B 128 -17.83 -21.86 6.51
C LEU B 128 -17.23 -21.31 7.81
N ASN B 129 -17.15 -22.17 8.81
CA ASN B 129 -16.63 -21.82 10.11
C ASN B 129 -15.47 -22.73 10.40
N LEU B 130 -14.29 -22.15 10.59
CA LEU B 130 -13.11 -22.88 10.97
C LEU B 130 -12.87 -22.75 12.47
N VAL B 131 -12.84 -23.86 13.19
CA VAL B 131 -12.49 -23.83 14.60
C VAL B 131 -11.00 -24.11 14.69
N LEU B 132 -10.25 -23.06 15.07
CA LEU B 132 -8.80 -23.03 15.08
C LEU B 132 -8.19 -22.86 16.50
N ASP B 133 -6.91 -23.19 16.67
CA ASP B 133 -6.18 -22.81 17.92
C ASP B 133 -6.39 -21.30 18.14
N TYR B 134 -6.64 -20.92 19.37
CA TYR B 134 -6.56 -19.52 19.78
C TYR B 134 -5.23 -19.25 20.44
N VAL B 135 -4.63 -18.12 20.09
CA VAL B 135 -3.37 -17.71 20.68
C VAL B 135 -3.60 -16.26 21.12
N PRO B 136 -3.13 -15.88 22.32
CA PRO B 136 -3.59 -14.57 22.84
C PRO B 136 -2.90 -13.29 22.37
N GLU B 137 -1.83 -13.35 21.58
CA GLU B 137 -1.11 -12.14 21.16
C GLU B 137 -0.65 -12.27 19.74
N THR B 138 -0.21 -11.14 19.17
CA THR B 138 0.44 -11.10 17.86
C THR B 138 1.80 -10.47 17.97
N VAL B 139 2.68 -10.80 17.02
CA VAL B 139 3.99 -10.19 16.94
C VAL B 139 3.80 -8.69 16.72
N TYR B 140 2.75 -8.31 16.00
CA TYR B 140 2.40 -6.92 15.74
C TYR B 140 2.17 -6.13 17.03
N ARG B 141 1.28 -6.62 17.88
CA ARG B 141 1.07 -6.01 19.18
C ARG B 141 2.32 -6.01 20.06
N VAL B 142 3.06 -7.09 20.13
CA VAL B 142 4.26 -7.11 20.97
C VAL B 142 5.28 -6.13 20.46
N ALA B 143 5.56 -6.13 19.17
CA ALA B 143 6.48 -5.15 18.57
C ALA B 143 6.10 -3.68 18.88
N ARG B 144 4.81 -3.40 18.84
CA ARG B 144 4.27 -2.07 18.99
C ARG B 144 4.43 -1.60 20.41
N HIS B 145 4.25 -2.49 21.37
CA HIS B 145 4.53 -2.15 22.76
C HIS B 145 5.97 -1.71 22.94
N TYR B 146 6.91 -2.46 22.38
CA TYR B 146 8.30 -2.10 22.49
C TYR B 146 8.61 -0.75 21.82
N SER B 147 8.11 -0.60 20.60
CA SER B 147 8.28 0.62 19.82
C SER B 147 7.79 1.86 20.58
N ARG B 148 6.52 1.85 21.00
CA ARG B 148 5.98 2.94 21.76
C ARG B 148 6.80 3.26 22.99
N ALA B 149 7.30 2.23 23.68
CA ALA B 149 8.10 2.43 24.88
C ALA B 149 9.57 2.79 24.53
N LYS B 150 9.88 3.01 23.25
CA LYS B 150 11.25 3.35 22.84
C LYS B 150 12.29 2.28 23.29
N GLN B 151 11.86 1.03 23.32
CA GLN B 151 12.68 -0.13 23.71
C GLN B 151 12.78 -1.05 22.51
N THR B 152 13.82 -1.83 22.45
CA THR B 152 13.90 -2.85 21.43
C THR B 152 13.55 -4.24 22.01
N LEU B 153 12.95 -5.11 21.20
CA LEU B 153 12.59 -6.45 21.68
C LEU B 153 13.89 -7.18 21.92
N PRO B 154 14.07 -7.73 23.13
CA PRO B 154 15.30 -8.46 23.35
C PRO B 154 15.49 -9.56 22.28
N VAL B 155 16.74 -9.79 21.92
CA VAL B 155 17.12 -10.56 20.79
C VAL B 155 16.78 -12.04 21.01
N ILE B 156 16.70 -12.47 22.25
CA ILE B 156 16.32 -13.82 22.51
C ILE B 156 14.93 -14.05 21.87
N TYR B 157 14.02 -13.08 21.98
CA TYR B 157 12.66 -13.26 21.41
C TYR B 157 12.68 -13.13 19.87
N VAL B 158 13.55 -12.27 19.34
CA VAL B 158 13.69 -12.19 17.91
C VAL B 158 14.16 -13.54 17.35
N LYS B 159 15.16 -14.16 17.98
CA LYS B 159 15.57 -15.54 17.72
C LYS B 159 14.40 -16.54 17.80
N LEU B 160 13.72 -16.61 18.96
CA LEU B 160 12.65 -17.56 19.10
C LEU B 160 11.53 -17.42 18.07
N TYR B 161 11.13 -16.18 17.83
CA TYR B 161 9.98 -15.92 16.96
C TYR B 161 10.33 -16.17 15.52
N MET B 162 11.50 -15.70 15.08
CA MET B 162 11.91 -15.88 13.71
C MET B 162 12.19 -17.34 13.36
N TYR B 163 12.80 -18.05 14.29
CA TYR B 163 13.11 -19.46 14.09
C TYR B 163 11.83 -20.23 13.88
N GLN B 164 10.82 -19.95 14.71
CA GLN B 164 9.55 -20.65 14.63
C GLN B 164 8.77 -20.33 13.32
N LEU B 165 8.91 -19.11 12.82
CA LEU B 165 8.27 -18.71 11.57
C LEU B 165 8.93 -19.49 10.43
N PHE B 166 10.25 -19.55 10.44
CA PHE B 166 10.97 -20.25 9.43
C PHE B 166 10.63 -21.74 9.43
N ARG B 167 10.43 -22.33 10.62
CA ARG B 167 10.02 -23.70 10.64
C ARG B 167 8.68 -23.84 10.00
N SER B 168 7.75 -22.94 10.29
CA SER B 168 6.39 -23.04 9.71
C SER B 168 6.48 -22.93 8.20
N LEU B 169 7.36 -22.05 7.73
CA LEU B 169 7.54 -21.86 6.29
C LEU B 169 8.21 -23.07 5.62
N ALA B 170 9.23 -23.66 6.26
CA ALA B 170 9.83 -24.93 5.76
C ALA B 170 8.77 -26.02 5.63
N TYR B 171 7.90 -26.11 6.61
CA TYR B 171 6.87 -27.09 6.53
C TYR B 171 5.89 -26.82 5.36
N ILE B 172 5.26 -25.65 5.28
CA ILE B 172 4.26 -25.43 4.25
C ILE B 172 4.86 -25.46 2.83
N HIS B 173 6.06 -24.92 2.67
CA HIS B 173 6.74 -24.96 1.41
C HIS B 173 7.09 -26.41 0.98
N SER B 174 7.20 -27.35 1.91
CA SER B 174 7.58 -28.70 1.54
C SER B 174 6.38 -29.33 0.82
N PHE B 175 5.18 -28.74 0.96
CA PHE B 175 4.00 -29.17 0.20
C PHE B 175 3.80 -28.32 -1.08
N GLY B 176 4.76 -27.46 -1.42
CA GLY B 176 4.58 -26.44 -2.45
C GLY B 176 3.63 -25.28 -2.12
N ILE B 177 3.16 -25.20 -0.86
CA ILE B 177 2.20 -24.18 -0.38
C ILE B 177 2.91 -22.89 0.10
N CYS B 178 2.57 -21.77 -0.53
CA CYS B 178 3.12 -20.44 -0.16
C CYS B 178 2.02 -19.71 0.59
N HIS B 179 2.36 -19.12 1.72
CA HIS B 179 1.37 -18.40 2.54
C HIS B 179 0.85 -17.11 1.85
N ARG B 180 1.80 -16.33 1.31
CA ARG B 180 1.51 -15.12 0.56
C ARG B 180 0.98 -13.89 1.33
N ASP B 181 1.06 -13.93 2.66
CA ASP B 181 0.68 -12.80 3.50
C ASP B 181 1.39 -12.84 4.85
N ILE B 182 2.70 -13.04 4.79
CA ILE B 182 3.50 -13.10 5.97
C ILE B 182 3.72 -11.66 6.42
N LYS B 183 3.27 -11.37 7.64
CA LYS B 183 3.34 -10.05 8.23
C LYS B 183 3.12 -10.18 9.75
N PRO B 184 3.55 -9.18 10.54
CA PRO B 184 3.50 -9.33 12.02
C PRO B 184 2.13 -9.64 12.59
N GLN B 185 1.07 -9.19 11.93
CA GLN B 185 -0.29 -9.51 12.37
C GLN B 185 -0.68 -10.98 12.21
N ASN B 186 -0.07 -11.66 11.28
CA ASN B 186 -0.43 -13.05 11.04
C ASN B 186 0.46 -13.99 11.82
N LEU B 187 1.32 -13.42 12.68
CA LEU B 187 2.20 -14.21 13.53
C LEU B 187 1.70 -14.12 14.94
N LEU B 188 1.10 -15.21 15.44
CA LEU B 188 0.48 -15.20 16.76
C LEU B 188 1.47 -15.72 17.80
N LEU B 189 1.33 -15.28 19.04
CA LEU B 189 2.32 -15.57 20.09
C LEU B 189 1.64 -15.90 21.39
N ASP B 190 2.19 -16.83 22.15
CA ASP B 190 1.81 -16.99 23.53
C ASP B 190 2.93 -16.37 24.39
N PRO B 191 2.64 -15.26 25.10
CA PRO B 191 3.70 -14.59 25.90
C PRO B 191 4.36 -15.48 26.96
N ASP B 192 3.61 -16.43 27.47
CA ASP B 192 4.09 -17.28 28.56
C ASP B 192 5.00 -18.39 28.08
N THR B 193 4.75 -18.97 26.91
CA THR B 193 5.55 -20.09 26.44
C THR B 193 6.48 -19.66 25.31
N ALA B 194 6.28 -18.45 24.80
CA ALA B 194 7.00 -18.02 23.59
C ALA B 194 6.77 -18.88 22.30
N VAL B 195 5.66 -19.62 22.27
CA VAL B 195 5.25 -20.34 21.07
C VAL B 195 4.71 -19.32 20.06
N LEU B 196 5.13 -19.47 18.81
CA LEU B 196 4.65 -18.67 17.70
C LEU B 196 3.87 -19.59 16.73
N LYS B 197 2.69 -19.16 16.32
CA LYS B 197 1.89 -19.87 15.32
C LYS B 197 1.51 -18.96 14.16
N LEU B 198 1.83 -19.38 12.95
CA LEU B 198 1.35 -18.73 11.72
C LEU B 198 -0.13 -18.94 11.59
N CYS B 199 -0.82 -17.88 11.19
CA CYS B 199 -2.25 -17.90 11.01
C CYS B 199 -2.62 -17.22 9.71
N ASP B 200 -3.91 -17.31 9.42
CA ASP B 200 -4.51 -16.74 8.22
C ASP B 200 -4.00 -17.32 6.90
N PHE B 201 -4.61 -18.42 6.50
CA PHE B 201 -4.28 -19.06 5.22
C PHE B 201 -5.22 -18.69 4.06
N GLY B 202 -5.93 -17.56 4.18
CA GLY B 202 -6.84 -17.07 3.14
C GLY B 202 -6.16 -16.67 1.83
N SER B 203 -4.86 -16.46 1.83
CA SER B 203 -4.14 -16.16 0.61
C SER B 203 -3.25 -17.30 0.20
N ALA B 204 -3.25 -18.39 0.98
CA ALA B 204 -2.26 -19.43 0.79
C ALA B 204 -2.58 -20.17 -0.48
N LYS B 205 -1.56 -20.60 -1.19
CA LYS B 205 -1.79 -21.33 -2.43
C LYS B 205 -0.62 -22.26 -2.83
N GLN B 206 -0.98 -23.41 -3.39
CA GLN B 206 0.07 -24.23 -3.94
C GLN B 206 0.61 -23.58 -5.23
N LEU B 207 1.91 -23.30 -5.26
CA LEU B 207 2.57 -22.70 -6.41
C LEU B 207 3.23 -23.80 -7.25
N VAL B 208 2.79 -23.95 -8.50
CA VAL B 208 3.29 -24.96 -9.44
C VAL B 208 4.10 -24.30 -10.57
N ARG B 209 5.35 -24.73 -10.77
CA ARG B 209 6.22 -24.17 -11.82
C ARG B 209 5.47 -24.15 -13.15
N GLY B 210 5.48 -23.00 -13.81
CA GLY B 210 4.76 -22.78 -15.07
C GLY B 210 3.33 -22.30 -14.96
N GLU B 211 2.72 -22.41 -13.78
CA GLU B 211 1.36 -21.85 -13.57
C GLU B 211 1.44 -20.38 -13.12
N PRO B 212 0.61 -19.49 -13.70
CA PRO B 212 0.69 -18.09 -13.25
C PRO B 212 -0.10 -17.79 -11.98
N ASN B 213 0.41 -16.89 -11.15
CA ASN B 213 -0.31 -16.51 -9.94
C ASN B 213 -0.48 -15.00 -9.80
N VAL B 214 -1.56 -14.60 -9.11
CA VAL B 214 -1.86 -13.17 -9.01
C VAL B 214 -0.75 -12.47 -8.27
N SER B 215 -0.36 -11.32 -8.79
CA SER B 215 0.72 -10.58 -8.23
C SER B 215 0.25 -9.63 -7.14
N TYR B 216 -1.07 -9.53 -6.92
CA TYR B 216 -1.58 -8.54 -5.98
C TYR B 216 -1.77 -9.09 -4.55
N ILE B 217 -1.06 -10.16 -4.22
CA ILE B 217 -1.13 -10.68 -2.85
C ILE B 217 -0.05 -10.02 -2.00
N CYS B 218 -0.16 -10.19 -0.70
CA CYS B 218 0.88 -9.77 0.24
C CYS B 218 0.73 -8.30 0.60
N SER B 219 1.03 -8.00 1.84
CA SER B 219 0.76 -6.72 2.38
C SER B 219 1.89 -5.75 2.19
N ARG B 220 1.46 -4.49 2.06
N ARG B 220 1.54 -4.49 1.93
CA ARG B 220 2.26 -3.28 2.15
CA ARG B 220 2.47 -3.50 1.39
C ARG B 220 3.35 -3.38 3.21
C ARG B 220 3.92 -3.63 1.81
N TYR B 221 4.58 -3.17 2.75
N TYR B 221 4.20 -3.36 3.07
CA TYR B 221 5.79 -3.27 3.56
CA TYR B 221 5.58 -3.30 3.57
C TYR B 221 6.44 -4.66 3.43
C TYR B 221 6.36 -4.62 3.41
N TYR B 222 5.65 -5.72 3.21
CA TYR B 222 6.22 -7.06 3.26
C TYR B 222 6.38 -7.71 1.89
N ARG B 223 6.12 -6.97 0.82
CA ARG B 223 6.02 -7.58 -0.49
C ARG B 223 7.37 -7.62 -1.13
N ALA B 224 7.71 -8.79 -1.64
CA ALA B 224 8.95 -8.99 -2.34
C ALA B 224 8.98 -8.12 -3.59
N PRO B 225 10.17 -7.67 -3.98
CA PRO B 225 10.28 -6.80 -5.12
C PRO B 225 9.72 -7.38 -6.40
N GLU B 226 9.87 -8.69 -6.61
CA GLU B 226 9.28 -9.26 -7.81
C GLU B 226 7.75 -9.03 -7.88
N LEU B 227 7.08 -9.00 -6.74
CA LEU B 227 5.63 -8.76 -6.69
C LEU B 227 5.34 -7.30 -7.02
N ILE B 228 6.16 -6.38 -6.51
CA ILE B 228 5.99 -4.96 -6.79
C ILE B 228 6.11 -4.76 -8.32
N PHE B 229 7.02 -5.50 -8.96
CA PHE B 229 7.20 -5.38 -10.41
C PHE B 229 6.19 -6.18 -11.19
N GLY B 230 5.19 -6.75 -10.52
CA GLY B 230 4.12 -7.45 -11.20
C GLY B 230 4.38 -8.85 -11.79
N ALA B 231 5.44 -9.54 -11.35
CA ALA B 231 5.69 -10.94 -11.73
C ALA B 231 4.51 -11.81 -11.39
N THR B 232 4.25 -12.80 -12.25
CA THR B 232 3.24 -13.83 -12.00
C THR B 232 3.83 -15.24 -11.96
N ASP B 233 5.16 -15.32 -12.11
CA ASP B 233 5.92 -16.60 -12.12
C ASP B 233 6.76 -16.71 -10.84
N TYR B 234 6.30 -16.07 -9.78
CA TYR B 234 7.06 -16.03 -8.54
C TYR B 234 6.92 -17.35 -7.81
N THR B 235 7.85 -17.58 -6.90
CA THR B 235 7.93 -18.80 -6.11
C THR B 235 7.69 -18.53 -4.59
N SER B 236 7.98 -19.54 -3.80
CA SER B 236 7.72 -19.53 -2.37
C SER B 236 8.69 -18.60 -1.68
N SER B 237 9.77 -18.27 -2.37
CA SER B 237 10.73 -17.36 -1.84
C SER B 237 10.10 -15.98 -1.53
N ILE B 238 8.90 -15.67 -2.00
CA ILE B 238 8.28 -14.42 -1.62
C ILE B 238 8.06 -14.39 -0.11
N ASP B 239 7.76 -15.54 0.50
CA ASP B 239 7.53 -15.64 1.96
C ASP B 239 8.83 -15.36 2.72
N VAL B 240 9.95 -15.66 2.10
CA VAL B 240 11.22 -15.54 2.76
C VAL B 240 11.60 -14.08 2.79
N TRP B 241 11.28 -13.38 1.71
CA TRP B 241 11.47 -11.93 1.68
C TRP B 241 10.61 -11.28 2.78
N SER B 242 9.35 -11.70 2.85
CA SER B 242 8.45 -11.19 3.87
C SER B 242 8.96 -11.45 5.27
N ALA B 243 9.49 -12.66 5.49
CA ALA B 243 10.12 -13.01 6.76
C ALA B 243 11.29 -12.12 7.08
N GLY B 244 12.09 -11.83 6.07
CA GLY B 244 13.24 -10.94 6.27
C GLY B 244 12.82 -9.54 6.69
N CYS B 245 11.69 -9.07 6.16
CA CYS B 245 11.16 -7.75 6.52
C CYS B 245 10.69 -7.74 7.97
N VAL B 246 10.14 -8.87 8.43
CA VAL B 246 9.70 -8.98 9.82
C VAL B 246 10.96 -8.95 10.68
N LEU B 247 11.98 -9.67 10.27
CA LEU B 247 13.20 -9.75 11.12
C LEU B 247 13.76 -8.34 11.27
N ALA B 248 13.96 -7.66 10.15
CA ALA B 248 14.48 -6.31 10.11
C ALA B 248 13.68 -5.37 10.99
N GLU B 249 12.38 -5.43 10.89
CA GLU B 249 11.48 -4.60 11.69
C GLU B 249 11.59 -4.86 13.18
N LEU B 250 11.77 -6.12 13.54
CA LEU B 250 11.92 -6.43 14.96
C LEU B 250 13.28 -5.89 15.45
N LEU B 251 14.27 -5.84 14.58
CA LEU B 251 15.57 -5.32 14.97
C LEU B 251 15.62 -3.80 15.01
N LEU B 252 14.95 -3.14 14.08
CA LEU B 252 14.97 -1.68 13.95
C LEU B 252 13.93 -1.01 14.82
N GLY B 253 12.83 -1.69 15.14
CA GLY B 253 11.73 -1.06 15.83
C GLY B 253 10.72 -0.37 14.92
N GLN B 254 10.91 -0.51 13.61
CA GLN B 254 9.95 0.03 12.65
C GLN B 254 10.15 -0.68 11.33
N PRO B 255 9.20 -0.54 10.38
CA PRO B 255 9.33 -1.22 9.06
C PRO B 255 10.58 -0.81 8.31
N ILE B 256 11.24 -1.72 7.63
CA ILE B 256 12.45 -1.33 6.92
C ILE B 256 12.14 -0.76 5.53
N PHE B 257 11.06 -1.23 4.89
CA PHE B 257 10.70 -0.73 3.55
C PHE B 257 9.30 -0.15 3.44
N PRO B 258 9.00 0.91 4.23
CA PRO B 258 7.69 1.56 4.19
C PRO B 258 7.52 2.32 2.89
N GLY B 259 6.29 2.67 2.58
CA GLY B 259 5.92 3.48 1.39
C GLY B 259 4.45 3.24 1.06
N ASP B 260 3.74 4.28 0.62
CA ASP B 260 2.32 4.14 0.27
C ASP B 260 2.09 3.68 -1.18
N SER B 261 3.13 3.71 -1.99
CA SER B 261 3.07 3.19 -3.34
C SER B 261 4.24 2.26 -3.60
N GLY B 262 4.09 1.45 -4.62
CA GLY B 262 5.15 0.60 -5.10
C GLY B 262 6.44 1.37 -5.34
N VAL B 263 6.31 2.54 -5.95
CA VAL B 263 7.49 3.35 -6.26
C VAL B 263 8.26 3.69 -4.98
N ASP B 264 7.52 4.13 -3.96
CA ASP B 264 8.18 4.56 -2.75
C ASP B 264 8.84 3.37 -2.01
N GLN B 265 8.19 2.22 -2.07
CA GLN B 265 8.70 0.98 -1.46
C GLN B 265 10.00 0.57 -2.14
N LEU B 266 10.03 0.63 -3.48
CA LEU B 266 11.24 0.31 -4.24
C LEU B 266 12.38 1.26 -3.95
N VAL B 267 12.08 2.54 -3.78
CA VAL B 267 13.11 3.52 -3.44
C VAL B 267 13.75 3.11 -2.12
N GLU B 268 12.94 2.80 -1.11
CA GLU B 268 13.46 2.34 0.16
C GLU B 268 14.28 1.08 0.05
N ILE B 269 13.88 0.16 -0.81
CA ILE B 269 14.62 -1.09 -1.02
C ILE B 269 15.97 -0.73 -1.64
N ILE B 270 15.96 0.10 -2.66
CA ILE B 270 17.17 0.45 -3.37
C ILE B 270 18.13 1.22 -2.47
N LYS B 271 17.60 1.98 -1.52
CA LYS B 271 18.49 2.74 -0.64
C LYS B 271 19.34 1.79 0.20
N VAL B 272 18.80 0.63 0.52
CA VAL B 272 19.51 -0.36 1.30
C VAL B 272 20.25 -1.32 0.38
N LEU B 273 19.61 -1.89 -0.63
CA LEU B 273 20.25 -2.97 -1.39
C LEU B 273 21.10 -2.43 -2.52
N GLY B 274 20.95 -1.16 -2.84
CA GLY B 274 21.58 -0.61 -4.02
C GLY B 274 20.69 -0.88 -5.20
N THR B 275 21.03 -0.27 -6.32
CA THR B 275 20.27 -0.44 -7.55
C THR B 275 20.40 -1.87 -8.02
N PRO B 276 19.33 -2.44 -8.55
CA PRO B 276 19.48 -3.79 -9.05
C PRO B 276 20.20 -3.82 -10.40
N THR B 277 21.09 -4.79 -10.62
CA THR B 277 21.77 -5.00 -11.90
C THR B 277 20.75 -5.50 -12.93
N ARG B 278 21.13 -5.57 -14.20
CA ARG B 278 20.21 -6.06 -15.25
C ARG B 278 19.82 -7.53 -15.00
N GLU B 279 20.78 -8.33 -14.52
CA GLU B 279 20.55 -9.76 -14.22
C GLU B 279 19.55 -9.91 -13.06
N GLN B 280 19.68 -9.07 -12.05
CA GLN B 280 18.78 -9.11 -10.90
C GLN B 280 17.34 -8.76 -11.32
N ILE B 281 17.20 -7.81 -12.23
CA ILE B 281 15.87 -7.42 -12.72
C ILE B 281 15.21 -8.53 -13.56
N ARG B 282 16.00 -9.21 -14.39
CA ARG B 282 15.47 -10.32 -15.19
C ARG B 282 15.03 -11.49 -14.27
N GLU B 283 15.83 -11.79 -13.24
CA GLU B 283 15.45 -12.81 -12.23
C GLU B 283 14.12 -12.48 -11.53
N MET B 284 13.88 -11.20 -11.23
CA MET B 284 12.60 -10.72 -10.65
C MET B 284 11.40 -10.58 -11.61
N ASN B 285 11.61 -9.91 -12.74
CA ASN B 285 10.56 -9.79 -13.77
C ASN B 285 11.19 -9.35 -15.07
N PRO B 286 11.18 -10.25 -16.08
CA PRO B 286 11.74 -10.00 -17.43
C PRO B 286 11.22 -8.73 -18.13
N ASN B 287 9.92 -8.46 -18.04
CA ASN B 287 9.32 -7.33 -18.76
C ASN B 287 9.79 -5.92 -18.31
N TYR B 288 10.67 -5.81 -17.31
CA TYR B 288 11.08 -4.50 -16.75
C TYR B 288 12.56 -4.10 -16.96
N THR B 289 13.20 -4.66 -17.99
CA THR B 289 14.57 -4.30 -18.47
C THR B 289 14.96 -2.80 -18.40
N GLU B 290 14.06 -1.94 -18.91
CA GLU B 290 14.26 -0.47 -18.94
C GLU B 290 13.46 0.24 -17.84
N PHE B 291 12.13 0.30 -18.04
CA PHE B 291 11.14 0.85 -17.12
C PHE B 291 11.68 1.87 -16.10
N PHE B 293 15.68 3.13 -13.37
CA PHE B 293 15.77 3.35 -11.93
C PHE B 293 16.89 4.30 -11.57
N PRO B 294 16.82 4.94 -10.39
CA PRO B 294 17.98 5.72 -9.94
C PRO B 294 19.20 4.83 -9.67
N GLN B 295 20.41 5.37 -9.78
CA GLN B 295 21.64 4.63 -9.51
C GLN B 295 22.21 4.99 -8.14
N ILE B 296 21.89 4.15 -7.15
CA ILE B 296 22.32 4.35 -5.77
C ILE B 296 23.24 3.19 -5.37
N LYS B 297 24.37 3.51 -4.75
CA LYS B 297 25.27 2.48 -4.22
C LYS B 297 24.64 1.89 -2.95
N ALA B 298 24.87 0.59 -2.72
CA ALA B 298 24.32 -0.10 -1.55
C ALA B 298 24.81 0.54 -0.24
N HIS B 299 23.90 0.67 0.72
CA HIS B 299 24.23 1.10 2.08
C HIS B 299 24.70 -0.15 2.85
N PRO B 300 25.94 -0.13 3.38
CA PRO B 300 26.39 -1.36 4.04
C PRO B 300 25.42 -1.73 5.14
N TRP B 301 25.09 -3.02 5.17
CA TRP B 301 24.07 -3.51 6.05
C TRP B 301 24.32 -3.16 7.53
N THR B 302 25.57 -3.16 7.99
CA THR B 302 25.86 -2.73 9.38
C THR B 302 25.38 -1.31 9.68
N LYS B 303 25.38 -0.44 8.66
CA LYS B 303 24.95 0.95 8.84
C LYS B 303 23.41 1.12 8.91
N VAL B 304 22.65 0.11 8.48
CA VAL B 304 21.19 0.11 8.54
C VAL B 304 20.65 -0.05 9.96
N PHE B 305 21.26 -0.90 10.78
CA PHE B 305 20.72 -1.15 12.12
C PHE B 305 21.45 -0.38 13.21
N ARG B 306 20.87 -0.29 14.41
CA ARG B 306 21.57 0.27 15.59
C ARG B 306 22.96 -0.38 15.73
N PRO B 307 23.87 0.32 16.40
CA PRO B 307 25.23 -0.22 16.61
C PRO B 307 25.27 -1.49 17.49
N ARG B 308 24.35 -1.59 18.45
CA ARG B 308 24.30 -2.75 19.34
C ARG B 308 23.87 -4.08 18.63
N THR B 309 23.30 -4.00 17.43
CA THR B 309 22.68 -5.12 16.75
C THR B 309 23.65 -6.25 16.47
N PRO B 310 23.30 -7.50 16.86
CA PRO B 310 24.19 -8.65 16.63
C PRO B 310 24.57 -8.90 15.16
N PRO B 311 25.87 -9.04 14.88
CA PRO B 311 26.31 -9.23 13.52
C PRO B 311 25.65 -10.37 12.81
N GLU B 312 25.24 -11.37 13.57
CA GLU B 312 24.59 -12.52 12.99
C GLU B 312 23.18 -12.20 12.46
N ALA B 313 22.48 -11.34 13.18
CA ALA B 313 21.16 -10.92 12.83
C ALA B 313 21.26 -10.21 11.49
N ILE B 314 22.26 -9.35 11.35
CA ILE B 314 22.45 -8.57 10.14
C ILE B 314 22.78 -9.48 8.95
N ALA B 315 23.69 -10.41 9.19
CA ALA B 315 24.09 -11.36 8.18
C ALA B 315 22.88 -12.18 7.69
N LEU B 316 22.01 -12.58 8.60
CA LEU B 316 20.81 -13.32 8.20
C LEU B 316 19.89 -12.45 7.32
N CYS B 317 19.69 -11.18 7.70
CA CYS B 317 18.89 -10.25 6.89
C CYS B 317 19.37 -10.12 5.48
N SER B 318 20.69 -9.97 5.34
CA SER B 318 21.25 -9.75 4.02
C SER B 318 21.09 -10.98 3.15
N ARG B 319 20.85 -12.15 3.74
CA ARG B 319 20.69 -13.38 2.95
C ARG B 319 19.24 -13.72 2.74
N LEU B 320 18.36 -12.96 3.38
CA LEU B 320 16.93 -13.06 3.15
C LEU B 320 16.45 -11.99 2.16
N LEU B 321 16.90 -10.77 2.37
CA LEU B 321 16.47 -9.64 1.58
C LEU B 321 17.41 -9.46 0.39
N GLU B 322 17.33 -10.37 -0.58
CA GLU B 322 18.18 -10.36 -1.78
C GLU B 322 17.25 -10.09 -2.97
N TYR B 323 17.70 -9.32 -3.94
CA TYR B 323 16.87 -9.12 -5.14
C TYR B 323 16.53 -10.43 -5.83
N THR B 324 17.55 -11.26 -6.02
CA THR B 324 17.36 -12.49 -6.81
C THR B 324 16.69 -13.51 -5.92
N PRO B 325 15.44 -13.90 -6.23
CA PRO B 325 14.66 -14.87 -5.43
C PRO B 325 15.40 -16.16 -5.12
N THR B 326 16.01 -16.75 -6.16
CA THR B 326 16.76 -17.99 -5.96
C THR B 326 17.96 -17.83 -5.05
N ALA B 327 18.48 -16.61 -4.88
CA ALA B 327 19.65 -16.37 -4.01
C ALA B 327 19.30 -16.29 -2.53
N ARG B 328 18.03 -16.14 -2.20
CA ARG B 328 17.60 -16.07 -0.79
C ARG B 328 17.76 -17.43 -0.14
N LEU B 329 18.13 -17.44 1.13
CA LEU B 329 18.09 -18.67 1.93
C LEU B 329 16.72 -19.30 1.85
N THR B 330 16.65 -20.62 1.91
CA THR B 330 15.38 -21.31 2.09
C THR B 330 15.04 -21.22 3.58
N PRO B 331 13.76 -21.47 3.93
CA PRO B 331 13.39 -21.40 5.35
C PRO B 331 14.25 -22.32 6.26
N LEU B 332 14.46 -23.56 5.81
CA LEU B 332 15.21 -24.54 6.57
C LEU B 332 16.64 -24.08 6.75
N GLU B 333 17.26 -23.57 5.68
CA GLU B 333 18.61 -23.01 5.83
C GLU B 333 18.56 -21.81 6.75
N ALA B 334 17.44 -21.09 6.78
CA ALA B 334 17.39 -19.99 7.72
C ALA B 334 17.39 -20.54 9.16
N CYS B 335 16.66 -21.63 9.42
CA CYS B 335 16.66 -22.25 10.74
C CYS B 335 18.08 -22.68 11.18
N ALA B 336 18.91 -23.12 10.25
CA ALA B 336 20.29 -23.54 10.54
C ALA B 336 21.29 -22.43 10.69
N HIS B 337 20.86 -21.20 10.47
CA HIS B 337 21.79 -20.09 10.46
C HIS B 337 22.42 -19.83 11.87
N SER B 338 23.65 -19.31 11.91
CA SER B 338 24.32 -19.01 13.20
C SER B 338 23.51 -18.13 14.15
N PHE B 339 22.71 -17.22 13.62
CA PHE B 339 21.91 -16.32 14.48
C PHE B 339 21.05 -17.09 15.50
N PHE B 340 20.66 -18.30 15.14
CA PHE B 340 19.81 -19.13 16.01
C PHE B 340 20.59 -20.12 16.93
N ASP B 341 21.93 -20.02 16.94
CA ASP B 341 22.77 -20.91 17.78
C ASP B 341 22.40 -20.88 19.26
N GLU B 342 22.18 -19.70 19.78
CA GLU B 342 21.74 -19.64 21.17
C GLU B 342 20.53 -20.58 21.44
N LEU B 343 19.62 -20.73 20.49
CA LEU B 343 18.42 -21.50 20.77
C LEU B 343 18.79 -22.99 20.87
N ARG B 344 19.89 -23.36 20.21
CA ARG B 344 20.43 -24.70 20.27
C ARG B 344 21.34 -25.01 21.48
N ASP B 345 21.53 -24.02 22.35
CA ASP B 345 22.26 -24.16 23.59
C ASP B 345 21.44 -24.92 24.64
N PRO B 346 22.02 -25.97 25.26
CA PRO B 346 21.31 -26.76 26.28
C PRO B 346 20.89 -25.98 27.53
N ASN B 347 21.55 -24.86 27.79
CA ASN B 347 21.19 -24.06 28.98
C ASN B 347 20.29 -22.85 28.73
N VAL B 348 19.86 -22.65 27.47
CA VAL B 348 18.98 -21.54 27.13
C VAL B 348 17.68 -21.68 27.91
N LYS B 349 17.19 -20.55 28.45
CA LYS B 349 15.88 -20.48 29.12
C LYS B 349 15.18 -19.20 28.66
N LEU B 350 13.86 -19.15 28.78
CA LEU B 350 13.13 -17.91 28.58
C LEU B 350 13.39 -16.94 29.78
N PRO B 351 13.34 -15.61 29.57
CA PRO B 351 13.46 -14.62 30.66
C PRO B 351 12.50 -14.85 31.82
N ASN B 352 11.31 -15.35 31.54
CA ASN B 352 10.37 -15.69 32.62
C ASN B 352 10.72 -16.98 33.37
N GLY B 353 11.84 -17.60 33.05
CA GLY B 353 12.32 -18.74 33.81
C GLY B 353 11.95 -20.10 33.25
N ARG B 354 10.87 -20.16 32.46
CA ARG B 354 10.45 -21.39 31.77
C ARG B 354 11.43 -21.89 30.71
N ASP B 355 11.35 -23.18 30.41
CA ASP B 355 12.05 -23.72 29.24
C ASP B 355 11.53 -23.16 27.92
N THR B 356 12.39 -23.20 26.92
CA THR B 356 11.95 -22.87 25.57
C THR B 356 10.94 -23.88 25.09
N PRO B 357 10.06 -23.44 24.17
CA PRO B 357 9.07 -24.37 23.64
C PRO B 357 9.72 -25.38 22.68
N ALA B 358 8.90 -26.26 22.11
CA ALA B 358 9.39 -27.25 21.13
C ALA B 358 10.17 -26.56 20.00
N LEU B 359 11.44 -26.89 19.83
CA LEU B 359 12.23 -26.31 18.75
C LEU B 359 12.84 -27.29 17.77
N PHE B 360 12.89 -28.58 18.13
CA PHE B 360 13.72 -29.57 17.43
C PHE B 360 12.98 -30.83 16.94
N ASN B 361 11.69 -30.86 17.13
CA ASN B 361 10.91 -32.00 16.78
C ASN B 361 10.66 -31.97 15.28
N PHE B 362 11.71 -31.91 14.51
CA PHE B 362 11.62 -31.99 13.08
C PHE B 362 11.11 -33.32 12.56
N THR B 363 10.21 -33.27 11.56
CA THR B 363 9.79 -34.46 10.81
C THR B 363 10.55 -34.55 9.47
N THR B 364 10.44 -35.70 8.82
CA THR B 364 11.05 -35.95 7.51
C THR B 364 10.46 -35.00 6.46
N GLN B 365 9.14 -34.83 6.47
CA GLN B 365 8.46 -33.86 5.60
C GLN B 365 9.14 -32.51 5.75
N GLU B 366 9.25 -32.03 6.99
CA GLU B 366 9.86 -30.73 7.29
C GLU B 366 11.28 -30.61 6.80
N LEU B 367 12.02 -31.71 6.86
CA LEU B 367 13.46 -31.67 6.49
C LEU B 367 13.70 -31.91 5.01
N SER B 368 12.66 -32.27 4.26
CA SER B 368 12.82 -32.86 2.91
C SER B 368 13.58 -32.02 1.88
N SER B 369 13.52 -30.71 2.00
CA SER B 369 14.26 -29.85 1.08
C SER B 369 15.77 -29.96 1.28
N ASN B 370 16.25 -30.47 2.43
CA ASN B 370 17.72 -30.62 2.73
C ASN B 370 18.01 -31.45 4.02
N PRO B 371 17.82 -32.78 3.96
CA PRO B 371 18.02 -33.64 5.16
C PRO B 371 19.34 -33.45 5.91
N PRO B 372 20.45 -33.28 5.19
CA PRO B 372 21.70 -33.14 5.96
C PRO B 372 21.71 -32.03 7.01
N LEU B 373 20.89 -31.01 6.89
CA LEU B 373 20.88 -29.94 7.89
C LEU B 373 20.40 -30.46 9.26
N ALA B 374 19.89 -31.68 9.29
CA ALA B 374 19.42 -32.33 10.52
C ALA B 374 20.49 -32.29 11.60
N THR B 375 21.76 -32.39 11.19
CA THR B 375 22.86 -32.41 12.14
C THR B 375 23.15 -31.08 12.78
N ILE B 376 22.70 -29.99 12.17
CA ILE B 376 22.77 -28.67 12.80
C ILE B 376 21.49 -28.45 13.54
N LEU B 377 20.39 -28.75 12.89
CA LEU B 377 19.07 -28.39 13.41
C LEU B 377 18.65 -29.10 14.70
N ILE B 378 19.08 -30.36 14.85
CA ILE B 378 18.74 -31.15 16.04
C ILE B 378 20.05 -31.30 16.81
N PRO B 379 20.26 -30.47 17.83
CA PRO B 379 21.54 -30.46 18.54
C PRO B 379 21.73 -31.70 19.46
N PRO B 380 22.97 -32.01 19.81
CA PRO B 380 23.27 -33.30 20.48
C PRO B 380 22.32 -33.60 21.63
N HIS B 381 21.99 -32.61 22.44
CA HIS B 381 21.12 -32.88 23.60
C HIS B 381 19.64 -33.05 23.29
N ALA B 382 19.18 -32.68 22.10
CA ALA B 382 17.75 -32.67 21.87
C ALA B 382 17.20 -34.04 21.58
N ARG B 383 16.01 -34.37 22.10
CA ARG B 383 15.25 -35.49 21.54
C ARG B 383 15.73 -36.92 21.92
N ILE B 384 16.35 -37.04 23.10
CA ILE B 384 16.82 -38.32 23.65
C ILE B 384 15.79 -38.80 24.68
N ALA C 1 21.71 26.13 -15.38
CA ALA C 1 20.71 26.99 -14.64
C ALA C 1 21.18 27.63 -13.30
N GLY C 2 21.83 26.85 -12.42
CA GLY C 2 22.07 27.26 -11.01
C GLY C 2 23.39 27.91 -10.55
N GLY C 3 23.51 28.07 -9.23
CA GLY C 3 24.75 28.56 -8.55
C GLY C 3 24.47 29.30 -7.23
N ALA C 4 24.89 28.72 -6.10
CA ALA C 4 24.47 29.19 -4.74
C ALA C 4 25.44 30.16 -4.03
N ALA C 5 24.88 31.07 -3.22
CA ALA C 5 25.66 32.04 -2.40
C ALA C 5 24.85 32.55 -1.17
N ALA C 6 25.37 32.35 0.05
CA ALA C 6 24.66 32.67 1.32
C ALA C 6 25.12 33.98 2.00
N ALA C 7 24.23 34.66 2.70
CA ALA C 7 24.50 35.95 3.32
C ALA C 7 23.71 36.07 4.64
N ALA C 8 23.78 37.23 5.29
CA ALA C 8 23.11 37.45 6.59
C ALA C 8 23.14 38.93 6.97
#